data_8SSG
#
_entry.id   8SSG
#
_cell.length_a   102.317
_cell.length_b   113.764
_cell.length_c   155.306
_cell.angle_alpha   90.000
_cell.angle_beta   90.000
_cell.angle_gamma   90.000
#
_symmetry.space_group_name_H-M   'P 21 2 21'
#
loop_
_entity.id
_entity.type
_entity.pdbx_description
1 polymer 'RNA-free ribonuclease P'
2 water water
#
_entity_poly.entity_id   1
_entity_poly.type   'polypeptide(L)'
_entity_poly.pdbx_seq_one_letter_code
;MDTFVLDTSVFTNPDVYHQFEEDQLGAIENFISLASHTNANFFMPTSVYYEFTKMVSLGDLAPKFELVVRIRSPRKWGLM
VPAEFLYEFIEEVRYRINKGLRIAEEHTKEAGKLAEEEVGRVVNRLREKYREALRAGIIDSKEDVDVLLLSYELDAILVS
GDEGLRKWADRVGIKLIDPKNLRYIMENLTKVGR
;
_entity_poly.pdbx_strand_id   A,B,C,D,E,F,G
#
# COMPACT_ATOMS: atom_id res chain seq x y z
N MET A 1 -21.01 -9.04 19.80
CA MET A 1 -21.91 -8.26 20.68
C MET A 1 -21.40 -6.82 20.75
N ASP A 2 -22.30 -5.84 20.54
CA ASP A 2 -21.96 -4.43 20.45
C ASP A 2 -21.55 -3.84 21.80
N THR A 3 -20.60 -2.90 21.75
CA THR A 3 -20.12 -2.24 22.94
C THR A 3 -20.17 -0.73 22.72
N PHE A 4 -20.60 0.02 23.74
CA PHE A 4 -20.75 1.47 23.62
C PHE A 4 -20.04 2.16 24.79
N VAL A 5 -19.39 3.28 24.49
CA VAL A 5 -18.81 4.13 25.53
C VAL A 5 -19.58 5.44 25.55
N LEU A 6 -20.19 5.77 26.70
CA LEU A 6 -21.08 6.91 26.81
C LEU A 6 -20.27 8.11 27.30
N ASP A 7 -20.66 9.32 26.86
CA ASP A 7 -20.13 10.60 27.31
C ASP A 7 -21.10 11.18 28.32
N THR A 8 -20.72 12.25 29.05
CA THR A 8 -21.63 12.92 29.97
C THR A 8 -22.84 13.46 29.21
N SER A 9 -22.60 14.04 28.02
CA SER A 9 -23.61 14.69 27.18
C SER A 9 -24.77 13.76 26.81
N VAL A 10 -24.57 12.45 26.83
CA VAL A 10 -25.67 11.52 26.56
C VAL A 10 -26.85 11.75 27.51
N PHE A 11 -26.55 12.10 28.77
CA PHE A 11 -27.59 12.24 29.78
C PHE A 11 -27.70 13.67 30.31
N THR A 12 -26.86 14.59 29.81
CA THR A 12 -26.97 15.98 30.26
C THR A 12 -27.52 16.92 29.18
N ASN A 13 -27.24 16.62 27.91
CA ASN A 13 -27.80 17.39 26.81
C ASN A 13 -29.25 16.95 26.55
N PRO A 14 -30.25 17.84 26.62
CA PRO A 14 -31.65 17.43 26.46
C PRO A 14 -31.99 16.89 25.08
N ASP A 15 -31.32 17.42 24.05
CA ASP A 15 -31.52 17.03 22.65
C ASP A 15 -31.30 15.52 22.48
N VAL A 16 -30.52 14.94 23.40
CA VAL A 16 -30.18 13.53 23.35
C VAL A 16 -31.09 12.71 24.26
N TYR A 17 -31.24 13.16 25.52
CA TYR A 17 -31.93 12.36 26.52
C TYR A 17 -33.46 12.35 26.34
N HIS A 18 -33.99 13.26 25.52
CA HIS A 18 -35.44 13.36 25.33
C HIS A 18 -36.04 12.10 24.70
N GLN A 19 -35.20 11.27 24.07
CA GLN A 19 -35.67 10.06 23.41
C GLN A 19 -36.13 9.03 24.43
N PHE A 20 -35.64 9.15 25.67
CA PHE A 20 -35.98 8.24 26.75
C PHE A 20 -37.16 8.80 27.55
N GLU A 21 -37.12 10.10 27.83
CA GLU A 21 -38.17 10.80 28.57
C GLU A 21 -37.89 12.30 28.54
N GLU A 22 -38.91 13.13 28.80
CA GLU A 22 -38.72 14.58 28.82
C GLU A 22 -37.91 15.00 30.04
N ASP A 23 -38.12 14.24 31.10
CA ASP A 23 -37.57 14.34 32.42
C ASP A 23 -36.14 13.80 32.45
N GLN A 24 -35.23 14.48 33.18
CA GLN A 24 -33.83 14.04 33.18
C GLN A 24 -33.72 12.71 33.93
N LEU A 25 -34.25 12.68 35.16
CA LEU A 25 -34.07 11.51 36.03
C LEU A 25 -34.88 10.33 35.50
N GLY A 26 -35.89 10.63 34.68
CA GLY A 26 -36.73 9.61 34.09
C GLY A 26 -36.09 9.03 32.85
N ALA A 27 -35.33 9.86 32.12
CA ALA A 27 -34.60 9.41 30.93
C ALA A 27 -33.51 8.44 31.34
N ILE A 28 -32.78 8.81 32.41
CA ILE A 28 -31.71 7.99 32.94
C ILE A 28 -32.28 6.65 33.39
N GLU A 29 -33.41 6.70 34.10
CA GLU A 29 -34.04 5.51 34.66
C GLU A 29 -34.54 4.60 33.53
N ASN A 30 -35.04 5.21 32.46
CA ASN A 30 -35.61 4.49 31.33
C ASN A 30 -34.48 3.78 30.59
N PHE A 31 -33.36 4.51 30.44
CA PHE A 31 -32.16 3.99 29.80
C PHE A 31 -31.67 2.75 30.55
N ILE A 32 -31.59 2.86 31.89
CA ILE A 32 -31.09 1.80 32.75
C ILE A 32 -31.95 0.55 32.55
N SER A 33 -33.27 0.73 32.54
CA SER A 33 -34.23 -0.37 32.43
C SER A 33 -34.03 -1.10 31.10
N LEU A 34 -33.84 -0.31 30.03
CA LEU A 34 -33.69 -0.85 28.69
C LEU A 34 -32.36 -1.58 28.57
N ALA A 35 -31.30 -1.01 29.17
CA ALA A 35 -29.96 -1.59 29.13
C ALA A 35 -29.95 -3.00 29.70
N SER A 36 -30.86 -3.28 30.64
CA SER A 36 -30.96 -4.58 31.30
C SER A 36 -31.37 -5.66 30.29
N HIS A 37 -32.27 -5.29 29.37
CA HIS A 37 -32.84 -6.23 28.41
C HIS A 37 -32.16 -6.10 27.03
N THR A 38 -31.13 -5.25 26.92
CA THR A 38 -30.44 -5.05 25.65
C THR A 38 -29.21 -5.96 25.57
N ASN A 39 -29.00 -6.55 24.38
CA ASN A 39 -27.85 -7.40 24.16
C ASN A 39 -26.66 -6.53 23.73
N ALA A 40 -26.09 -5.82 24.72
CA ALA A 40 -25.02 -4.86 24.50
C ALA A 40 -24.27 -4.60 25.81
N ASN A 41 -23.02 -4.20 25.69
CA ASN A 41 -22.23 -3.77 26.83
C ASN A 41 -22.11 -2.24 26.84
N PHE A 42 -22.28 -1.64 28.03
CA PHE A 42 -22.12 -0.22 28.19
C PHE A 42 -20.95 0.09 29.13
N PHE A 43 -20.22 1.16 28.81
CA PHE A 43 -19.04 1.62 29.53
C PHE A 43 -18.97 3.13 29.59
N MET A 44 -18.33 3.65 30.64
CA MET A 44 -18.15 5.08 30.80
C MET A 44 -16.86 5.29 31.58
N PRO A 45 -15.90 6.14 31.13
CA PRO A 45 -14.66 6.33 31.88
C PRO A 45 -14.93 6.81 33.31
N THR A 46 -14.01 6.50 34.22
CA THR A 46 -14.12 6.85 35.62
C THR A 46 -14.30 8.37 35.77
N SER A 47 -13.52 9.14 35.00
CA SER A 47 -13.50 10.59 35.10
C SER A 47 -14.83 11.16 34.63
N VAL A 48 -15.39 10.55 33.56
CA VAL A 48 -16.65 10.96 32.98
C VAL A 48 -17.79 10.70 33.96
N TYR A 49 -17.78 9.54 34.61
CA TYR A 49 -18.79 9.19 35.59
C TYR A 49 -18.77 10.14 36.77
N TYR A 50 -17.56 10.50 37.21
CA TYR A 50 -17.38 11.46 38.30
C TYR A 50 -18.08 12.79 37.99
N GLU A 51 -17.83 13.36 36.80
CA GLU A 51 -18.43 14.62 36.40
C GLU A 51 -19.95 14.50 36.24
N PHE A 52 -20.42 13.36 35.74
CA PHE A 52 -21.83 13.10 35.58
C PHE A 52 -22.53 13.14 36.94
N THR A 53 -21.89 12.55 37.97
CA THR A 53 -22.45 12.51 39.32
C THR A 53 -22.43 13.89 39.98
N LYS A 54 -21.45 14.74 39.63
CA LYS A 54 -21.43 16.09 40.19
C LYS A 54 -22.51 16.99 39.58
N MET A 55 -23.07 16.61 38.43
CA MET A 55 -24.11 17.39 37.77
C MET A 55 -25.49 16.84 38.11
N VAL A 56 -25.63 15.52 38.20
CA VAL A 56 -26.92 14.90 38.40
C VAL A 56 -26.88 14.09 39.69
N SER A 57 -27.90 14.24 40.54
CA SER A 57 -28.00 13.43 41.76
C SER A 57 -28.77 12.13 41.47
N LEU A 58 -28.05 11.02 41.37
CA LEU A 58 -28.70 9.76 41.00
C LEU A 58 -29.46 9.15 42.17
N GLY A 59 -28.93 9.32 43.39
CA GLY A 59 -29.43 8.64 44.57
C GLY A 59 -29.50 7.12 44.38
N ASP A 60 -30.73 6.57 44.38
CA ASP A 60 -30.94 5.13 44.41
C ASP A 60 -30.71 4.49 43.04
N LEU A 61 -30.50 5.33 42.02
CA LEU A 61 -30.24 4.86 40.66
C LEU A 61 -28.79 4.45 40.47
N ALA A 62 -27.87 5.09 41.22
CA ALA A 62 -26.44 4.87 41.15
C ALA A 62 -26.06 3.39 41.04
N PRO A 63 -26.45 2.50 41.98
CA PRO A 63 -26.12 1.07 41.89
C PRO A 63 -26.63 0.30 40.68
N LYS A 64 -27.83 0.67 40.17
CA LYS A 64 -28.37 0.06 38.95
C LYS A 64 -27.55 0.54 37.75
N PHE A 65 -27.27 1.85 37.72
CA PHE A 65 -26.49 2.48 36.67
C PHE A 65 -25.10 1.85 36.61
N GLU A 66 -24.45 1.71 37.77
CA GLU A 66 -23.11 1.15 37.85
C GLU A 66 -23.08 -0.31 37.45
N LEU A 67 -24.25 -0.98 37.41
CA LEU A 67 -24.29 -2.39 37.04
C LEU A 67 -24.46 -2.52 35.52
N VAL A 68 -25.28 -1.64 34.93
CA VAL A 68 -25.52 -1.68 33.48
C VAL A 68 -24.41 -0.97 32.69
N VAL A 69 -23.92 0.17 33.19
CA VAL A 69 -22.80 0.91 32.62
C VAL A 69 -21.55 0.66 33.45
N ARG A 70 -20.59 -0.11 32.91
CA ARG A 70 -19.36 -0.43 33.63
C ARG A 70 -18.40 0.75 33.61
N ILE A 71 -17.97 1.19 34.81
CA ILE A 71 -17.11 2.36 34.94
C ILE A 71 -15.64 1.92 34.99
N ARG A 72 -14.92 2.00 33.85
CA ARG A 72 -13.52 1.59 33.76
C ARG A 72 -12.63 2.81 33.49
N SER A 73 -11.35 2.72 33.88
CA SER A 73 -10.37 3.74 33.60
C SER A 73 -9.56 3.31 32.38
N PRO A 74 -9.30 4.22 31.41
CA PRO A 74 -8.53 3.86 30.23
C PRO A 74 -7.03 3.97 30.43
N ARG A 75 -6.57 4.25 31.66
CA ARG A 75 -5.15 4.46 31.92
C ARG A 75 -4.35 3.17 32.03
N LYS A 76 -4.46 2.35 30.98
CA LYS A 76 -3.68 1.15 30.94
C LYS A 76 -2.18 1.35 30.89
N TRP A 77 -1.57 0.20 30.88
N TRP A 77 -1.53 0.21 31.01
CA TRP A 77 -0.21 0.16 31.32
CA TRP A 77 -0.12 0.35 31.31
C TRP A 77 0.80 0.25 30.18
C TRP A 77 0.83 0.32 30.14
N GLY A 78 0.53 -0.43 29.08
CA GLY A 78 1.50 -0.47 28.00
C GLY A 78 1.01 0.32 26.80
N LEU A 79 -0.04 1.14 27.00
CA LEU A 79 -0.70 1.84 25.91
C LEU A 79 0.25 2.92 25.39
N MET A 80 0.32 2.96 24.06
CA MET A 80 1.15 3.90 23.35
C MET A 80 0.26 4.53 22.27
N VAL A 81 0.19 5.86 22.28
CA VAL A 81 -0.52 6.59 21.25
C VAL A 81 0.53 7.27 20.38
N PRO A 82 0.23 7.44 19.08
CA PRO A 82 1.14 8.11 18.18
C PRO A 82 1.30 9.57 18.59
N ALA A 83 2.48 10.11 18.30
CA ALA A 83 2.84 11.45 18.67
C ALA A 83 1.81 12.43 18.11
N GLU A 84 1.22 12.08 16.95
CA GLU A 84 0.33 12.96 16.23
C GLU A 84 -0.86 13.33 17.11
N PHE A 85 -1.37 12.29 17.80
CA PHE A 85 -2.54 12.34 18.66
C PHE A 85 -2.31 13.40 19.73
N LEU A 86 -1.05 13.62 20.08
CA LEU A 86 -0.68 14.51 21.17
C LEU A 86 -0.93 15.94 20.72
N TYR A 87 -0.61 16.21 19.47
CA TYR A 87 -0.81 17.51 18.89
C TYR A 87 -2.29 17.75 18.64
N GLU A 88 -3.03 16.67 18.30
CA GLU A 88 -4.47 16.73 18.09
C GLU A 88 -5.17 17.14 19.37
N PHE A 89 -4.61 16.70 20.50
CA PHE A 89 -5.18 16.96 21.80
C PHE A 89 -5.03 18.45 22.11
N ILE A 90 -3.91 19.04 21.69
CA ILE A 90 -3.69 20.44 21.97
C ILE A 90 -4.78 21.27 21.29
N GLU A 91 -5.15 20.87 20.06
CA GLU A 91 -6.17 21.56 19.29
C GLU A 91 -7.53 21.38 19.95
N GLU A 92 -7.76 20.24 20.59
CA GLU A 92 -9.02 19.96 21.25
C GLU A 92 -9.13 20.86 22.47
N VAL A 93 -8.01 21.07 23.18
CA VAL A 93 -8.00 21.97 24.33
C VAL A 93 -8.36 23.36 23.85
N ARG A 94 -7.75 23.81 22.74
CA ARG A 94 -8.05 25.10 22.15
C ARG A 94 -9.56 25.21 21.87
N TYR A 95 -10.16 24.19 21.24
CA TYR A 95 -11.57 24.19 20.90
C TYR A 95 -12.43 24.35 22.15
N ARG A 96 -12.06 23.64 23.23
CA ARG A 96 -12.92 23.61 24.40
C ARG A 96 -12.77 24.87 25.26
N ILE A 97 -11.56 25.43 25.33
CA ILE A 97 -11.39 26.67 26.06
C ILE A 97 -12.17 27.75 25.34
N ASN A 98 -12.00 27.85 24.01
CA ASN A 98 -12.55 28.93 23.21
C ASN A 98 -14.07 28.82 23.16
N LYS A 99 -14.57 27.59 23.29
CA LYS A 99 -16.02 27.41 23.33
C LYS A 99 -16.55 27.86 24.69
N GLY A 100 -15.80 27.58 25.76
CA GLY A 100 -16.14 27.98 27.12
C GLY A 100 -16.24 29.49 27.36
N LEU A 101 -15.30 30.25 26.78
CA LEU A 101 -15.19 31.71 26.90
C LEU A 101 -16.25 32.39 26.06
N ARG A 102 -16.61 31.76 24.94
CA ARG A 102 -17.62 32.33 24.08
C ARG A 102 -18.91 32.33 24.87
N ILE A 103 -19.18 31.21 25.59
CA ILE A 103 -20.32 31.14 26.50
C ILE A 103 -20.18 32.20 27.57
N ALA A 104 -19.00 32.25 28.23
CA ALA A 104 -18.75 33.13 29.37
C ALA A 104 -19.03 34.58 29.01
N GLU A 105 -18.44 35.03 27.88
CA GLU A 105 -18.30 36.42 27.44
C GLU A 105 -19.68 37.11 27.47
N GLU A 106 -20.73 36.28 27.47
CA GLU A 106 -22.01 36.83 27.09
C GLU A 106 -22.92 37.21 28.23
N HIS A 107 -22.65 36.83 29.47
CA HIS A 107 -23.73 36.95 30.46
C HIS A 107 -23.53 38.07 31.49
N VAL A 123 -17.22 42.96 36.93
CA VAL A 123 -15.74 42.87 36.87
C VAL A 123 -15.21 41.75 37.77
N ASN A 124 -15.72 41.70 39.00
CA ASN A 124 -15.35 40.65 39.91
C ASN A 124 -16.01 39.34 39.50
N ARG A 125 -17.26 39.39 39.03
CA ARG A 125 -17.95 38.20 38.52
C ARG A 125 -17.39 37.77 37.18
N LEU A 126 -16.76 38.68 36.42
CA LEU A 126 -16.22 38.32 35.13
C LEU A 126 -14.90 37.56 35.27
N ARG A 127 -14.00 37.96 36.17
CA ARG A 127 -12.74 37.24 36.42
C ARG A 127 -12.93 35.79 36.87
N GLU A 128 -14.05 35.49 37.53
CA GLU A 128 -14.29 34.15 38.01
C GLU A 128 -15.06 33.39 36.94
N LYS A 129 -15.88 34.09 36.18
CA LYS A 129 -16.58 33.47 35.07
C LYS A 129 -15.57 33.06 33.99
N TYR A 130 -14.39 33.67 33.96
CA TYR A 130 -13.34 33.34 33.01
C TYR A 130 -12.37 32.30 33.56
N ARG A 131 -12.18 32.26 34.88
CA ARG A 131 -11.36 31.20 35.43
C ARG A 131 -12.08 29.87 35.23
N GLU A 132 -13.39 29.90 35.49
CA GLU A 132 -14.27 28.75 35.52
C GLU A 132 -14.45 28.17 34.13
N ALA A 133 -14.35 29.06 33.12
CA ALA A 133 -14.54 28.80 31.71
C ALA A 133 -13.45 27.84 31.25
N LEU A 134 -12.22 28.12 31.71
CA LEU A 134 -11.06 27.39 31.25
C LEU A 134 -10.69 26.25 32.20
N ARG A 135 -11.11 26.28 33.49
CA ARG A 135 -10.86 25.10 34.31
C ARG A 135 -11.79 23.96 33.88
N ALA A 136 -13.03 24.29 33.52
CA ALA A 136 -13.97 23.30 33.00
C ALA A 136 -13.57 22.90 31.58
N GLY A 137 -12.89 23.80 30.85
CA GLY A 137 -12.40 23.54 29.50
C GLY A 137 -11.30 22.48 29.48
N ILE A 138 -10.44 22.49 30.52
CA ILE A 138 -9.40 21.49 30.62
C ILE A 138 -10.01 20.16 31.05
N ILE A 139 -10.91 20.21 32.02
CA ILE A 139 -11.56 19.02 32.54
C ILE A 139 -12.31 18.32 31.42
N ASP A 140 -12.96 19.08 30.54
CA ASP A 140 -13.71 18.47 29.47
C ASP A 140 -12.79 17.90 28.41
N SER A 141 -11.57 18.47 28.25
CA SER A 141 -10.55 17.93 27.35
C SER A 141 -9.97 16.63 27.87
N LYS A 142 -9.74 16.54 29.20
CA LYS A 142 -9.28 15.30 29.82
C LYS A 142 -10.35 14.22 29.67
N GLU A 143 -11.65 14.60 29.79
CA GLU A 143 -12.75 13.67 29.59
C GLU A 143 -12.75 13.15 28.16
N ASP A 144 -12.51 14.04 27.20
CA ASP A 144 -12.47 13.70 25.79
C ASP A 144 -11.43 12.61 25.53
N VAL A 145 -10.21 12.82 26.07
CA VAL A 145 -9.16 11.85 25.88
C VAL A 145 -9.52 10.51 26.50
N ASP A 146 -10.00 10.54 27.76
CA ASP A 146 -10.44 9.35 28.47
C ASP A 146 -11.45 8.57 27.63
N VAL A 147 -12.39 9.30 27.01
CA VAL A 147 -13.46 8.65 26.27
C VAL A 147 -12.89 7.99 25.02
N LEU A 148 -12.00 8.70 24.31
CA LEU A 148 -11.42 8.18 23.08
C LEU A 148 -10.54 6.97 23.37
N LEU A 149 -9.66 7.07 24.37
CA LEU A 149 -8.75 5.97 24.69
C LEU A 149 -9.58 4.74 25.10
N LEU A 150 -10.63 4.92 25.91
CA LEU A 150 -11.44 3.79 26.32
C LEU A 150 -12.14 3.16 25.11
N SER A 151 -12.68 4.00 24.21
CA SER A 151 -13.34 3.51 23.00
C SER A 151 -12.36 2.74 22.14
N TYR A 152 -11.13 3.23 22.04
CA TYR A 152 -10.10 2.59 21.24
C TYR A 152 -9.74 1.22 21.82
N GLU A 153 -9.54 1.19 23.13
CA GLU A 153 -9.17 0.00 23.87
C GLU A 153 -10.24 -1.09 23.73
N LEU A 154 -11.53 -0.74 23.83
CA LEU A 154 -12.60 -1.74 23.82
C LEU A 154 -13.13 -1.96 22.40
N ASP A 155 -12.66 -1.15 21.44
CA ASP A 155 -13.17 -1.23 20.07
C ASP A 155 -14.69 -0.98 20.07
N ALA A 156 -15.10 0.06 20.80
CA ALA A 156 -16.48 0.37 21.10
C ALA A 156 -16.97 1.52 20.25
N ILE A 157 -18.31 1.70 20.25
CA ILE A 157 -18.96 2.76 19.51
C ILE A 157 -19.13 3.92 20.48
N LEU A 158 -18.58 5.09 20.12
CA LEU A 158 -18.65 6.26 20.98
C LEU A 158 -19.99 6.97 20.81
N VAL A 159 -20.74 7.09 21.90
CA VAL A 159 -22.01 7.80 21.92
C VAL A 159 -21.74 9.13 22.61
N SER A 160 -21.91 10.25 21.88
CA SER A 160 -21.67 11.56 22.43
C SER A 160 -22.59 12.60 21.80
N GLY A 161 -22.95 13.65 22.55
CA GLY A 161 -23.73 14.75 22.01
C GLY A 161 -22.85 15.89 21.51
N ASP A 162 -21.61 15.98 22.04
CA ASP A 162 -20.69 17.05 21.70
C ASP A 162 -20.14 16.86 20.28
N GLU A 163 -20.39 17.83 19.39
CA GLU A 163 -19.91 17.85 18.01
C GLU A 163 -18.40 17.72 17.95
N GLY A 164 -17.70 18.53 18.75
CA GLY A 164 -16.24 18.64 18.73
C GLY A 164 -15.56 17.33 19.10
N LEU A 165 -16.15 16.58 20.03
CA LEU A 165 -15.64 15.26 20.37
C LEU A 165 -15.88 14.29 19.22
N ARG A 166 -17.10 14.29 18.66
CA ARG A 166 -17.45 13.39 17.56
C ARG A 166 -16.61 13.70 16.33
N LYS A 167 -16.19 14.97 16.16
CA LYS A 167 -15.37 15.32 15.00
C LYS A 167 -13.99 14.71 15.20
N TRP A 168 -13.49 14.73 16.44
CA TRP A 168 -12.18 14.19 16.73
C TRP A 168 -12.23 12.67 16.63
N ALA A 169 -13.32 12.05 17.05
CA ALA A 169 -13.40 10.60 17.01
C ALA A 169 -13.33 10.07 15.58
N ASP A 170 -13.22 10.97 14.59
CA ASP A 170 -13.23 10.62 13.19
C ASP A 170 -11.82 10.71 12.63
N ARG A 171 -11.15 11.83 12.93
CA ARG A 171 -9.76 11.93 12.55
C ARG A 171 -9.04 10.67 13.01
N VAL A 172 -9.11 10.37 14.31
CA VAL A 172 -8.70 9.08 14.88
C VAL A 172 -9.84 8.17 14.42
N GLY A 173 -9.69 6.89 14.13
CA GLY A 173 -10.82 6.20 13.51
C GLY A 173 -11.76 5.45 14.45
N ILE A 174 -12.45 6.19 15.33
CA ILE A 174 -13.28 5.56 16.34
C ILE A 174 -14.70 5.43 15.79
N LYS A 175 -15.36 4.30 16.12
CA LYS A 175 -16.71 4.05 15.63
C LYS A 175 -17.69 5.01 16.31
N LEU A 176 -18.70 5.48 15.55
CA LEU A 176 -19.62 6.49 16.05
C LEU A 176 -21.06 6.14 15.74
N ILE A 177 -21.95 6.82 16.47
CA ILE A 177 -23.40 6.70 16.30
C ILE A 177 -24.03 8.10 16.39
N ASP A 178 -25.19 8.28 15.74
CA ASP A 178 -26.01 9.44 16.03
C ASP A 178 -26.60 9.22 17.43
N PRO A 179 -26.34 10.09 18.44
CA PRO A 179 -26.82 9.83 19.79
C PRO A 179 -28.35 9.87 19.83
N LYS A 180 -28.97 10.52 18.82
CA LYS A 180 -30.41 10.66 18.79
C LYS A 180 -31.05 9.30 18.54
N ASN A 181 -30.26 8.35 18.01
CA ASN A 181 -30.78 7.06 17.60
C ASN A 181 -30.45 5.96 18.61
N LEU A 182 -29.95 6.31 19.81
CA LEU A 182 -29.44 5.34 20.78
C LEU A 182 -30.53 4.38 21.25
N ARG A 183 -31.69 4.94 21.63
CA ARG A 183 -32.84 4.16 22.08
C ARG A 183 -33.24 3.19 20.96
N TYR A 184 -33.31 3.74 19.73
CA TYR A 184 -33.73 2.99 18.56
C TYR A 184 -32.84 1.76 18.40
N ILE A 185 -31.52 1.97 18.51
CA ILE A 185 -30.52 0.96 18.28
C ILE A 185 -30.64 -0.10 19.36
N MET A 186 -30.85 0.36 20.61
CA MET A 186 -30.94 -0.53 21.75
C MET A 186 -32.14 -1.46 21.59
N GLU A 187 -33.24 -0.93 21.04
CA GLU A 187 -34.47 -1.69 20.87
C GLU A 187 -34.31 -2.79 19.81
N ASN A 188 -33.41 -2.60 18.83
CA ASN A 188 -33.21 -3.59 17.76
C ASN A 188 -32.12 -4.61 18.13
N LEU A 189 -31.85 -4.79 19.45
CA LEU A 189 -30.91 -5.76 19.98
C LEU A 189 -31.55 -6.45 21.22
N THR A 190 -32.70 -7.10 21.00
CA THR A 190 -33.65 -7.54 22.00
C THR A 190 -33.93 -6.42 22.97
N MET B 1 30.04 13.15 21.25
CA MET B 1 29.95 14.62 21.06
C MET B 1 28.58 15.10 21.57
N ASP B 2 28.60 16.08 22.49
CA ASP B 2 27.42 16.50 23.24
C ASP B 2 26.42 17.27 22.36
N THR B 3 25.16 16.81 22.36
CA THR B 3 24.10 17.51 21.65
C THR B 3 23.18 18.24 22.62
N PHE B 4 22.72 19.45 22.25
CA PHE B 4 21.85 20.26 23.09
C PHE B 4 20.61 20.74 22.30
N VAL B 5 19.46 20.76 22.98
CA VAL B 5 18.27 21.38 22.42
C VAL B 5 17.96 22.64 23.24
N LEU B 6 17.88 23.79 22.56
CA LEU B 6 17.66 25.06 23.26
C LEU B 6 16.17 25.47 23.24
N ASP B 7 15.71 26.01 24.39
CA ASP B 7 14.39 26.58 24.57
C ASP B 7 14.43 28.04 24.11
N THR B 8 13.24 28.63 24.02
CA THR B 8 13.07 30.03 23.72
C THR B 8 13.70 30.86 24.84
N SER B 9 13.51 30.42 26.09
CA SER B 9 13.93 31.07 27.33
C SER B 9 15.45 31.21 27.43
N VAL B 10 16.24 30.48 26.65
CA VAL B 10 17.68 30.56 26.81
C VAL B 10 18.20 31.95 26.41
N PHE B 11 17.54 32.58 25.44
CA PHE B 11 17.97 33.87 24.93
C PHE B 11 16.95 34.98 25.25
N THR B 12 15.88 34.68 25.99
CA THR B 12 14.89 35.70 26.29
C THR B 12 14.79 36.00 27.78
N ASN B 13 15.21 35.05 28.60
CA ASN B 13 15.24 35.26 30.04
C ASN B 13 16.60 35.87 30.40
N PRO B 14 16.64 37.06 31.04
CA PRO B 14 17.92 37.72 31.31
C PRO B 14 18.81 36.93 32.25
N ASP B 15 18.21 36.18 33.19
CA ASP B 15 18.95 35.39 34.17
C ASP B 15 19.88 34.40 33.48
N VAL B 16 19.51 34.01 32.26
CA VAL B 16 20.25 32.99 31.54
C VAL B 16 21.22 33.66 30.56
N TYR B 17 20.73 34.62 29.77
CA TYR B 17 21.52 35.21 28.69
C TYR B 17 22.60 36.17 29.19
N HIS B 18 22.50 36.66 30.44
CA HIS B 18 23.47 37.61 30.99
C HIS B 18 24.88 37.01 31.02
N GLN B 19 24.99 35.68 30.96
CA GLN B 19 26.28 35.01 31.03
C GLN B 19 27.10 35.27 29.77
N PHE B 20 26.44 35.62 28.66
CA PHE B 20 27.13 35.95 27.42
C PHE B 20 27.39 37.46 27.37
N GLU B 21 26.39 38.28 27.75
CA GLU B 21 26.44 39.73 27.73
C GLU B 21 25.15 40.29 28.30
N GLU B 22 25.15 41.56 28.71
CA GLU B 22 23.98 42.15 29.34
C GLU B 22 22.92 42.52 28.34
N ASP B 23 23.33 42.87 27.12
CA ASP B 23 22.42 43.14 26.02
C ASP B 23 21.89 41.82 25.47
N GLN B 24 20.65 41.83 25.00
CA GLN B 24 20.06 40.62 24.42
C GLN B 24 20.77 40.26 23.12
N LEU B 25 20.83 41.21 22.18
CA LEU B 25 21.38 40.98 20.85
C LEU B 25 22.86 40.62 20.95
N GLY B 26 23.51 41.14 22.00
CA GLY B 26 24.94 40.97 22.17
C GLY B 26 25.22 39.59 22.73
N ALA B 27 24.34 39.14 23.63
CA ALA B 27 24.42 37.78 24.18
C ALA B 27 24.26 36.74 23.09
N ILE B 28 23.23 36.93 22.24
CA ILE B 28 22.99 36.04 21.12
C ILE B 28 24.22 35.97 20.20
N GLU B 29 24.79 37.13 19.87
CA GLU B 29 25.92 37.20 18.98
C GLU B 29 27.14 36.50 19.57
N ASN B 30 27.32 36.64 20.89
CA ASN B 30 28.45 36.06 21.62
C ASN B 30 28.30 34.54 21.61
N PHE B 31 27.05 34.10 21.85
CA PHE B 31 26.73 32.67 21.84
C PHE B 31 27.08 32.05 20.49
N ILE B 32 26.65 32.72 19.41
CA ILE B 32 26.87 32.22 18.06
C ILE B 32 28.37 32.07 17.77
N SER B 33 29.17 33.05 18.21
CA SER B 33 30.61 33.06 18.00
C SER B 33 31.23 31.85 18.69
N LEU B 34 30.78 31.62 19.94
CA LEU B 34 31.34 30.56 20.76
C LEU B 34 30.92 29.20 20.21
N ALA B 35 29.67 29.10 19.75
CA ALA B 35 29.12 27.89 19.18
C ALA B 35 29.91 27.39 17.97
N SER B 36 30.60 28.30 17.28
CA SER B 36 31.39 27.95 16.12
C SER B 36 32.64 27.19 16.56
N HIS B 37 33.21 27.57 17.72
CA HIS B 37 34.49 27.03 18.16
C HIS B 37 34.32 25.93 19.21
N THR B 38 33.09 25.44 19.39
CA THR B 38 32.83 24.40 20.38
C THR B 38 32.42 23.09 19.71
N ASN B 39 32.84 21.98 20.32
CA ASN B 39 32.64 20.64 19.79
C ASN B 39 31.29 20.12 20.26
N ALA B 40 30.25 20.75 19.74
CA ALA B 40 28.88 20.48 20.15
C ALA B 40 27.94 20.71 18.98
N ASN B 41 26.82 19.97 19.02
CA ASN B 41 25.73 20.21 18.10
C ASN B 41 24.61 20.92 18.86
N PHE B 42 24.08 21.99 18.26
CA PHE B 42 22.94 22.69 18.83
C PHE B 42 21.73 22.56 17.92
N PHE B 43 20.55 22.44 18.55
CA PHE B 43 19.29 22.28 17.85
C PHE B 43 18.20 23.09 18.55
N MET B 44 17.16 23.41 17.78
CA MET B 44 16.03 24.15 18.33
C MET B 44 14.81 23.79 17.51
N PRO B 45 13.65 23.44 18.10
CA PRO B 45 12.50 23.05 17.29
C PRO B 45 12.04 24.19 16.36
N THR B 46 11.46 23.83 15.20
CA THR B 46 10.97 24.82 14.25
C THR B 46 10.02 25.80 14.96
N SER B 47 9.12 25.26 15.78
CA SER B 47 8.11 26.08 16.44
C SER B 47 8.75 27.06 17.42
N VAL B 48 9.79 26.61 18.10
CA VAL B 48 10.43 27.42 19.13
C VAL B 48 11.19 28.54 18.44
N TYR B 49 11.86 28.22 17.32
CA TYR B 49 12.66 29.20 16.59
C TYR B 49 11.74 30.29 16.05
N TYR B 50 10.54 29.89 15.59
CA TYR B 50 9.57 30.82 15.05
C TYR B 50 9.19 31.87 16.11
N GLU B 51 8.86 31.42 17.34
CA GLU B 51 8.45 32.32 18.41
C GLU B 51 9.61 33.20 18.87
N PHE B 52 10.83 32.65 18.85
CA PHE B 52 12.01 33.39 19.21
C PHE B 52 12.19 34.55 18.24
N THR B 53 11.95 34.33 16.93
CA THR B 53 12.13 35.36 15.91
C THR B 53 11.02 36.40 16.00
N LYS B 54 9.82 36.03 16.46
CA LYS B 54 8.78 37.02 16.68
C LYS B 54 9.12 37.97 17.83
N MET B 55 9.89 37.49 18.81
CA MET B 55 10.24 38.29 19.98
C MET B 55 11.51 39.10 19.75
N VAL B 56 12.55 38.50 19.15
CA VAL B 56 13.83 39.14 18.95
C VAL B 56 14.09 39.36 17.45
N SER B 57 14.59 40.55 17.08
CA SER B 57 14.95 40.86 15.71
C SER B 57 16.42 40.54 15.45
N LEU B 58 16.72 39.39 14.82
CA LEU B 58 18.09 38.97 14.61
C LEU B 58 18.73 39.69 13.41
N GLY B 59 17.95 39.89 12.34
CA GLY B 59 18.47 40.47 11.11
C GLY B 59 19.63 39.68 10.51
N ASP B 60 20.83 40.29 10.48
CA ASP B 60 22.01 39.70 9.83
C ASP B 60 22.57 38.50 10.63
N LEU B 61 22.07 38.33 11.87
CA LEU B 61 22.50 37.26 12.76
C LEU B 61 21.80 35.95 12.40
N ALA B 62 20.55 36.04 11.90
CA ALA B 62 19.73 34.89 11.52
C ALA B 62 20.52 33.81 10.78
N PRO B 63 21.20 34.08 9.65
CA PRO B 63 21.96 33.04 8.94
C PRO B 63 23.09 32.36 9.72
N LYS B 64 23.76 33.11 10.62
CA LYS B 64 24.82 32.53 11.43
C LYS B 64 24.21 31.66 12.52
N PHE B 65 23.12 32.16 13.10
CA PHE B 65 22.35 31.44 14.11
C PHE B 65 21.81 30.15 13.52
N GLU B 66 21.20 30.21 12.34
CA GLU B 66 20.68 29.04 11.67
C GLU B 66 21.80 28.06 11.27
N LEU B 67 23.06 28.51 11.26
CA LEU B 67 24.16 27.64 10.89
C LEU B 67 24.68 26.88 12.10
N VAL B 68 24.72 27.56 13.25
CA VAL B 68 25.22 26.93 14.47
C VAL B 68 24.12 26.16 15.20
N VAL B 69 22.88 26.67 15.15
CA VAL B 69 21.71 26.02 15.77
C VAL B 69 20.83 25.44 14.65
N ARG B 70 20.85 24.12 14.50
CA ARG B 70 20.05 23.46 13.47
C ARG B 70 18.58 23.43 13.88
N ILE B 71 17.73 23.93 12.98
CA ILE B 71 16.30 24.03 13.28
C ILE B 71 15.54 22.89 12.63
N ARG B 72 15.21 21.86 13.45
CA ARG B 72 14.54 20.65 13.03
C ARG B 72 13.14 20.59 13.65
N SER B 73 12.25 19.84 13.01
CA SER B 73 10.92 19.58 13.54
C SER B 73 10.89 18.19 14.17
N PRO B 74 10.32 18.03 15.38
CA PRO B 74 10.27 16.72 16.00
C PRO B 74 9.13 15.80 15.55
N ARG B 75 8.38 16.20 14.51
CA ARG B 75 7.20 15.46 14.13
C ARG B 75 7.55 14.28 13.21
N LYS B 76 8.37 13.38 13.73
CA LYS B 76 8.73 12.20 13.00
C LYS B 76 7.48 11.35 12.85
N TRP B 77 7.43 10.62 11.73
N TRP B 77 7.43 10.61 11.75
CA TRP B 77 6.38 9.67 11.36
CA TRP B 77 6.35 9.70 11.44
C TRP B 77 6.46 8.47 12.28
C TRP B 77 6.48 8.46 12.29
N GLY B 78 5.35 7.87 12.73
CA GLY B 78 5.44 6.61 13.45
C GLY B 78 6.13 6.71 14.81
N LEU B 79 6.50 7.92 15.22
CA LEU B 79 6.94 8.13 16.60
C LEU B 79 5.73 7.87 17.46
N MET B 80 5.95 7.03 18.46
CA MET B 80 4.88 6.73 19.39
C MET B 80 5.36 7.09 20.79
N VAL B 81 4.45 7.70 21.53
CA VAL B 81 4.72 7.96 22.93
C VAL B 81 3.69 7.18 23.75
N PRO B 82 4.10 6.70 24.94
CA PRO B 82 3.20 5.99 25.84
C PRO B 82 2.09 6.94 26.31
N ALA B 83 0.94 6.29 26.58
CA ALA B 83 -0.30 6.97 26.92
C ALA B 83 -0.09 7.90 28.10
N GLU B 84 0.86 7.51 28.98
CA GLU B 84 1.12 8.25 30.21
C GLU B 84 1.59 9.67 29.91
N PHE B 85 2.48 9.77 28.92
CA PHE B 85 3.03 11.05 28.50
C PHE B 85 1.92 12.01 28.04
N LEU B 86 0.88 11.45 27.40
CA LEU B 86 -0.28 12.20 26.93
C LEU B 86 -0.98 12.90 28.11
N TYR B 87 -1.10 12.14 29.21
CA TYR B 87 -1.78 12.63 30.40
C TYR B 87 -0.93 13.67 31.13
N GLU B 88 0.39 13.49 31.10
CA GLU B 88 1.29 14.45 31.71
C GLU B 88 1.30 15.75 30.94
N PHE B 89 1.12 15.66 29.61
CA PHE B 89 1.05 16.83 28.76
C PHE B 89 -0.17 17.65 29.14
N ILE B 90 -1.27 16.97 29.52
CA ILE B 90 -2.50 17.67 29.88
C ILE B 90 -2.25 18.55 31.11
N GLU B 91 -1.42 18.02 32.04
CA GLU B 91 -1.07 18.71 33.26
C GLU B 91 -0.16 19.90 32.98
N GLU B 92 0.67 19.76 31.94
CA GLU B 92 1.57 20.83 31.53
C GLU B 92 0.76 21.99 30.94
N VAL B 93 -0.30 21.66 30.19
CA VAL B 93 -1.17 22.69 29.65
C VAL B 93 -1.83 23.43 30.81
N ARG B 94 -2.32 22.69 31.81
CA ARG B 94 -2.90 23.31 32.99
C ARG B 94 -1.92 24.31 33.64
N TYR B 95 -0.68 23.86 33.87
CA TYR B 95 0.36 24.70 34.46
C TYR B 95 0.56 26.00 33.67
N ARG B 96 0.62 25.87 32.33
CA ARG B 96 0.96 26.94 31.40
C ARG B 96 -0.15 27.99 31.35
N ILE B 97 -1.40 27.51 31.28
CA ILE B 97 -2.53 28.43 31.19
C ILE B 97 -2.65 29.20 32.50
N ASN B 98 -2.56 28.48 33.63
CA ASN B 98 -2.79 29.09 34.94
C ASN B 98 -1.66 30.08 35.26
N LYS B 99 -0.45 29.82 34.73
CA LYS B 99 0.67 30.73 34.98
C LYS B 99 0.46 32.05 34.23
N GLY B 100 -0.02 31.92 32.98
CA GLY B 100 -0.34 33.07 32.15
C GLY B 100 -1.52 33.89 32.67
N LEU B 101 -2.48 33.17 33.26
CA LEU B 101 -3.68 33.76 33.81
C LEU B 101 -3.36 34.58 35.06
N ARG B 102 -2.38 34.11 35.86
CA ARG B 102 -1.95 34.81 37.05
C ARG B 102 -1.35 36.17 36.66
N ILE B 103 -0.53 36.18 35.60
CA ILE B 103 0.16 37.40 35.21
C ILE B 103 -0.76 38.38 34.47
N ALA B 104 -2.04 38.04 34.32
CA ALA B 104 -3.01 38.88 33.65
C ALA B 104 -3.87 39.64 34.66
N VAL B 123 -10.60 46.70 32.75
CA VAL B 123 -11.97 46.85 32.20
C VAL B 123 -12.26 45.69 31.25
N ASN B 124 -11.98 45.97 29.95
CA ASN B 124 -11.92 44.98 28.88
C ASN B 124 -10.54 44.87 28.24
N ARG B 125 -9.53 45.49 28.84
CA ARG B 125 -8.15 45.14 28.65
C ARG B 125 -7.80 44.12 29.73
N LEU B 126 -8.72 43.65 30.58
CA LEU B 126 -8.48 42.51 31.43
C LEU B 126 -9.03 41.21 30.86
N ARG B 127 -9.77 41.32 29.76
CA ARG B 127 -10.24 40.11 29.16
C ARG B 127 -9.84 39.98 27.70
N GLU B 128 -9.06 40.90 27.15
CA GLU B 128 -8.31 40.69 25.92
C GLU B 128 -6.82 40.49 26.29
N LYS B 129 -6.41 40.95 27.48
CA LYS B 129 -5.29 40.37 28.21
C LYS B 129 -5.48 38.88 28.46
N TYR B 130 -6.55 38.45 29.09
CA TYR B 130 -6.93 37.10 29.47
C TYR B 130 -7.03 36.23 28.25
N ARG B 131 -7.55 36.74 27.12
CA ARG B 131 -7.75 35.89 25.94
C ARG B 131 -6.40 35.75 25.23
N GLU B 132 -5.50 36.70 25.50
CA GLU B 132 -4.18 36.63 24.89
C GLU B 132 -3.27 35.68 25.67
N ALA B 133 -3.52 35.57 26.98
CA ALA B 133 -2.76 34.80 27.97
C ALA B 133 -2.94 33.33 27.69
N LEU B 134 -4.18 32.93 27.36
CA LEU B 134 -4.45 31.53 27.15
C LEU B 134 -4.01 31.12 25.74
N ARG B 135 -4.10 32.02 24.76
CA ARG B 135 -3.59 31.68 23.45
C ARG B 135 -2.07 31.58 23.48
N ALA B 136 -1.41 32.36 24.33
CA ALA B 136 0.03 32.22 24.54
C ALA B 136 0.33 30.93 25.29
N GLY B 137 -0.50 30.57 26.26
CA GLY B 137 -0.37 29.39 27.09
C GLY B 137 -0.42 28.10 26.28
N ILE B 138 -1.24 28.08 25.22
CA ILE B 138 -1.30 26.96 24.29
C ILE B 138 -0.03 26.87 23.47
N ILE B 139 0.41 28.01 22.94
CA ILE B 139 1.62 28.10 22.13
C ILE B 139 2.85 27.65 22.93
N ASP B 140 2.88 28.02 24.21
CA ASP B 140 3.96 27.64 25.11
C ASP B 140 3.96 26.13 25.37
N SER B 141 2.76 25.53 25.43
CA SER B 141 2.63 24.09 25.66
C SER B 141 3.04 23.30 24.41
N LYS B 142 2.65 23.77 23.24
CA LYS B 142 3.03 23.12 21.99
C LYS B 142 4.53 23.27 21.77
N GLU B 143 5.15 24.30 22.35
CA GLU B 143 6.59 24.44 22.27
C GLU B 143 7.24 23.43 23.22
N ASP B 144 6.65 23.26 24.42
CA ASP B 144 7.21 22.38 25.42
C ASP B 144 7.29 20.96 24.87
N VAL B 145 6.19 20.50 24.28
CA VAL B 145 6.16 19.16 23.75
C VAL B 145 7.14 18.99 22.59
N ASP B 146 7.24 20.00 21.70
CA ASP B 146 8.21 20.03 20.61
C ASP B 146 9.65 19.93 21.16
N VAL B 147 9.92 20.60 22.28
CA VAL B 147 11.25 20.62 22.85
C VAL B 147 11.56 19.23 23.39
N LEU B 148 10.62 18.64 24.14
CA LEU B 148 10.85 17.34 24.77
C LEU B 148 11.02 16.29 23.70
N LEU B 149 10.09 16.23 22.73
CA LEU B 149 10.15 15.22 21.69
C LEU B 149 11.47 15.30 20.93
N LEU B 150 11.92 16.52 20.59
CA LEU B 150 13.17 16.66 19.88
C LEU B 150 14.34 16.19 20.75
N SER B 151 14.33 16.57 22.05
CA SER B 151 15.39 16.16 22.98
C SER B 151 15.44 14.65 23.08
N TYR B 152 14.27 14.02 23.13
CA TYR B 152 14.16 12.57 23.23
C TYR B 152 14.76 11.93 22.00
N GLU B 153 14.32 12.38 20.82
CA GLU B 153 14.71 11.78 19.55
C GLU B 153 16.23 11.86 19.34
N LEU B 154 16.85 12.97 19.75
CA LEU B 154 18.27 13.17 19.51
C LEU B 154 19.11 12.66 20.67
N ASP B 155 18.46 12.33 21.80
CA ASP B 155 19.19 11.98 23.02
C ASP B 155 20.09 13.15 23.41
N ALA B 156 19.49 14.34 23.46
CA ALA B 156 20.17 15.60 23.69
C ALA B 156 19.92 16.10 25.12
N ILE B 157 20.76 17.06 25.53
CA ILE B 157 20.65 17.76 26.79
C ILE B 157 19.77 18.99 26.61
N LEU B 158 18.66 19.06 27.36
CA LEU B 158 17.73 20.18 27.25
C LEU B 158 18.21 21.38 28.08
N VAL B 159 18.41 22.50 27.39
CA VAL B 159 18.84 23.72 28.05
C VAL B 159 17.63 24.63 28.11
N SER B 160 17.20 25.05 29.29
CA SER B 160 15.95 25.83 29.36
C SER B 160 15.87 26.60 30.66
N GLY B 161 15.50 27.87 30.58
CA GLY B 161 15.31 28.68 31.76
C GLY B 161 13.96 28.43 32.44
N ASP B 162 13.01 27.85 31.69
CA ASP B 162 11.68 27.57 32.23
C ASP B 162 11.81 26.38 33.17
N GLU B 163 11.61 26.68 34.45
CA GLU B 163 11.71 25.70 35.49
C GLU B 163 10.64 24.63 35.36
N GLY B 164 9.43 25.04 34.96
CA GLY B 164 8.32 24.11 34.81
C GLY B 164 8.60 23.07 33.72
N LEU B 165 9.25 23.51 32.64
CA LEU B 165 9.61 22.61 31.58
C LEU B 165 10.67 21.63 32.11
N ARG B 166 11.68 22.14 32.80
CA ARG B 166 12.74 21.30 33.31
C ARG B 166 12.22 20.27 34.31
N LYS B 167 11.19 20.60 35.11
CA LYS B 167 10.65 19.64 36.05
C LYS B 167 10.02 18.49 35.29
N TRP B 168 9.42 18.77 34.12
CA TRP B 168 8.74 17.75 33.33
C TRP B 168 9.77 16.90 32.59
N ALA B 169 10.91 17.50 32.23
CA ALA B 169 11.93 16.82 31.46
C ALA B 169 12.65 15.79 32.32
N ASP B 170 12.31 15.78 33.61
CA ASP B 170 12.97 14.92 34.57
C ASP B 170 12.09 13.70 34.83
N ARG B 171 10.78 13.92 35.04
CA ARG B 171 9.84 12.82 35.21
C ARG B 171 9.85 11.96 33.95
N VAL B 172 10.31 12.52 32.82
CA VAL B 172 10.30 11.89 31.51
C VAL B 172 11.70 11.37 31.17
N GLY B 173 12.71 11.73 31.97
CA GLY B 173 14.04 11.14 31.84
C GLY B 173 14.92 11.79 30.76
N ILE B 174 14.62 13.05 30.42
CA ILE B 174 15.44 13.82 29.49
C ILE B 174 16.62 14.40 30.26
N LYS B 175 17.79 14.39 29.60
CA LYS B 175 19.02 14.93 30.17
C LYS B 175 18.90 16.44 30.31
N LEU B 176 19.50 17.01 31.35
CA LEU B 176 19.36 18.42 31.66
C LEU B 176 20.70 19.05 32.01
N ILE B 177 20.76 20.39 31.95
CA ILE B 177 21.89 21.16 32.43
C ILE B 177 21.34 22.38 33.17
N ASP B 178 22.13 22.97 34.08
CA ASP B 178 21.79 24.27 34.62
C ASP B 178 22.02 25.30 33.51
N PRO B 179 20.99 26.06 33.05
CA PRO B 179 21.21 26.94 31.90
C PRO B 179 22.25 28.03 32.22
N LYS B 180 22.42 28.32 33.53
CA LYS B 180 23.31 29.38 33.98
C LYS B 180 24.78 28.98 33.74
N ASN B 181 25.01 27.69 33.44
CA ASN B 181 26.38 27.22 33.25
C ASN B 181 26.63 26.87 31.79
N LEU B 182 25.75 27.26 30.86
CA LEU B 182 25.90 26.87 29.46
C LEU B 182 27.23 27.35 28.87
N ARG B 183 27.55 28.64 29.10
CA ARG B 183 28.77 29.24 28.59
C ARG B 183 29.96 28.45 29.11
N TYR B 184 29.94 28.16 30.42
CA TYR B 184 31.02 27.44 31.07
C TYR B 184 31.23 26.07 30.43
N ILE B 185 30.12 25.33 30.22
CA ILE B 185 30.17 23.99 29.65
C ILE B 185 30.78 24.08 28.24
N MET B 186 30.29 25.05 27.46
CA MET B 186 30.71 25.25 26.08
C MET B 186 32.22 25.51 26.03
N GLU B 187 32.72 26.30 26.99
CA GLU B 187 34.12 26.70 27.01
C GLU B 187 35.04 25.50 27.21
N ASN B 188 34.58 24.54 28.04
CA ASN B 188 35.35 23.34 28.38
C ASN B 188 35.13 22.22 27.36
N LEU B 189 34.76 22.57 26.12
CA LEU B 189 34.57 21.63 25.02
C LEU B 189 35.08 22.22 23.71
N THR B 190 36.08 23.11 23.76
CA THR B 190 36.47 23.78 22.52
C THR B 190 37.45 22.96 21.69
N LYS B 191 37.00 22.47 20.53
CA LYS B 191 37.91 21.86 19.56
C LYS B 191 38.98 22.88 19.13
N MET C 1 -20.69 -13.99 6.51
CA MET C 1 -21.73 -13.24 5.73
C MET C 1 -21.04 -12.11 4.96
N ASP C 2 -21.62 -11.76 3.81
CA ASP C 2 -21.09 -10.73 2.92
C ASP C 2 -21.16 -9.31 3.53
N THR C 3 -20.18 -8.50 3.14
CA THR C 3 -20.10 -7.13 3.60
C THR C 3 -19.97 -6.23 2.37
N PHE C 4 -20.69 -5.10 2.36
CA PHE C 4 -20.67 -4.18 1.23
C PHE C 4 -20.37 -2.75 1.70
N VAL C 5 -19.59 -2.03 0.89
CA VAL C 5 -19.36 -0.61 1.11
C VAL C 5 -20.01 0.15 -0.03
N LEU C 6 -20.88 1.12 0.31
CA LEU C 6 -21.72 1.81 -0.66
C LEU C 6 -21.15 3.18 -0.97
N ASP C 7 -21.16 3.57 -2.27
CA ASP C 7 -20.75 4.88 -2.75
C ASP C 7 -21.98 5.79 -2.73
N THR C 8 -21.78 7.10 -2.98
CA THR C 8 -22.90 8.03 -3.12
C THR C 8 -23.75 7.60 -4.32
N SER C 9 -23.05 7.27 -5.42
CA SER C 9 -23.62 6.96 -6.73
C SER C 9 -24.62 5.81 -6.67
N VAL C 10 -24.61 5.01 -5.61
CA VAL C 10 -25.52 3.88 -5.56
C VAL C 10 -26.97 4.37 -5.46
N PHE C 11 -27.17 5.54 -4.83
CA PHE C 11 -28.49 6.10 -4.64
C PHE C 11 -28.66 7.44 -5.36
N THR C 12 -27.64 7.94 -6.06
CA THR C 12 -27.77 9.20 -6.78
C THR C 12 -27.73 9.03 -8.30
N ASN C 13 -27.07 7.98 -8.78
CA ASN C 13 -27.09 7.69 -10.22
C ASN C 13 -28.37 6.91 -10.54
N PRO C 14 -29.23 7.41 -11.45
CA PRO C 14 -30.51 6.75 -11.72
C PRO C 14 -30.38 5.37 -12.35
N ASP C 15 -29.28 5.12 -13.09
CA ASP C 15 -29.10 3.83 -13.75
C ASP C 15 -28.99 2.70 -12.74
N VAL C 16 -28.73 3.06 -11.46
CA VAL C 16 -28.48 2.10 -10.40
C VAL C 16 -29.73 1.96 -9.53
N TYR C 17 -30.29 3.10 -9.11
CA TYR C 17 -31.36 3.08 -8.12
C TYR C 17 -32.70 2.66 -8.70
N HIS C 18 -32.85 2.67 -10.03
CA HIS C 18 -34.13 2.32 -10.62
C HIS C 18 -34.53 0.90 -10.26
N GLN C 19 -33.56 0.05 -9.92
CA GLN C 19 -33.85 -1.35 -9.67
C GLN C 19 -34.78 -1.50 -8.46
N PHE C 20 -34.76 -0.51 -7.56
CA PHE C 20 -35.58 -0.51 -6.36
C PHE C 20 -36.93 0.14 -6.69
N GLU C 21 -36.86 1.37 -7.22
CA GLU C 21 -38.04 2.14 -7.62
C GLU C 21 -37.62 3.26 -8.57
N GLU C 22 -38.62 3.88 -9.23
CA GLU C 22 -38.36 4.90 -10.24
C GLU C 22 -38.07 6.26 -9.60
N ASP C 23 -38.63 6.47 -8.39
CA ASP C 23 -38.34 7.66 -7.60
C ASP C 23 -37.10 7.46 -6.71
N GLN C 24 -36.41 8.56 -6.46
CA GLN C 24 -35.21 8.49 -5.64
C GLN C 24 -35.53 8.05 -4.22
N LEU C 25 -36.42 8.80 -3.53
CA LEU C 25 -36.75 8.56 -2.14
C LEU C 25 -37.37 7.18 -1.95
N GLY C 26 -38.03 6.72 -3.02
CA GLY C 26 -38.74 5.46 -3.01
C GLY C 26 -37.76 4.30 -3.09
N ALA C 27 -36.69 4.52 -3.88
CA ALA C 27 -35.66 3.52 -4.11
C ALA C 27 -34.89 3.31 -2.81
N ILE C 28 -34.54 4.42 -2.15
CA ILE C 28 -33.79 4.39 -0.90
C ILE C 28 -34.61 3.68 0.17
N GLU C 29 -35.91 4.01 0.25
CA GLU C 29 -36.78 3.41 1.25
C GLU C 29 -36.94 1.91 1.02
N ASN C 30 -36.97 1.51 -0.27
CA ASN C 30 -37.15 0.12 -0.68
C ASN C 30 -35.90 -0.69 -0.33
N PHE C 31 -34.73 -0.05 -0.57
CA PHE C 31 -33.44 -0.61 -0.24
C PHE C 31 -33.33 -0.88 1.27
N ILE C 32 -33.69 0.13 2.08
CA ILE C 32 -33.59 0.04 3.52
C ILE C 32 -34.41 -1.15 4.02
N SER C 33 -35.62 -1.29 3.45
CA SER C 33 -36.58 -2.32 3.83
C SER C 33 -36.00 -3.69 3.56
N LEU C 34 -35.38 -3.83 2.38
CA LEU C 34 -34.82 -5.09 1.94
C LEU C 34 -33.58 -5.43 2.79
N ALA C 35 -32.75 -4.42 3.08
CA ALA C 35 -31.53 -4.57 3.86
C ALA C 35 -31.82 -5.16 5.24
N SER C 36 -33.00 -4.88 5.78
CA SER C 36 -33.39 -5.35 7.12
C SER C 36 -33.54 -6.87 7.13
N HIS C 37 -34.01 -7.44 6.00
CA HIS C 37 -34.34 -8.86 5.91
C HIS C 37 -33.24 -9.60 5.14
N THR C 38 -32.05 -9.00 4.99
CA THR C 38 -30.96 -9.67 4.28
C THR C 38 -29.75 -9.91 5.17
N ASN C 39 -29.11 -11.05 4.91
CA ASN C 39 -28.02 -11.56 5.72
C ASN C 39 -26.74 -10.96 5.16
N ALA C 40 -26.61 -9.63 5.31
CA ALA C 40 -25.48 -8.89 4.78
C ALA C 40 -25.28 -7.60 5.59
N ASN C 41 -24.00 -7.22 5.76
CA ASN C 41 -23.62 -6.01 6.49
C ASN C 41 -23.34 -4.91 5.49
N PHE C 42 -23.88 -3.70 5.74
CA PHE C 42 -23.72 -2.60 4.82
C PHE C 42 -23.00 -1.46 5.53
N PHE C 43 -22.11 -0.76 4.81
CA PHE C 43 -21.27 0.28 5.38
C PHE C 43 -21.10 1.42 4.39
N MET C 44 -20.86 2.62 4.89
CA MET C 44 -20.61 3.75 4.02
C MET C 44 -19.67 4.70 4.76
N PRO C 45 -18.56 5.21 4.15
CA PRO C 45 -17.65 6.11 4.86
C PRO C 45 -18.37 7.37 5.36
N THR C 46 -17.89 7.95 6.46
CA THR C 46 -18.50 9.14 7.05
C THR C 46 -18.56 10.27 6.02
N SER C 47 -17.48 10.47 5.25
CA SER C 47 -17.38 11.54 4.26
C SER C 47 -18.41 11.35 3.14
N VAL C 48 -18.60 10.11 2.70
CA VAL C 48 -19.52 9.79 1.63
C VAL C 48 -20.96 9.99 2.10
N TYR C 49 -21.27 9.60 3.34
CA TYR C 49 -22.63 9.74 3.86
C TYR C 49 -22.96 11.21 4.01
N TYR C 50 -21.95 12.03 4.36
CA TYR C 50 -22.16 13.46 4.48
C TYR C 50 -22.60 14.07 3.14
N GLU C 51 -21.92 13.73 2.04
CA GLU C 51 -22.27 14.21 0.70
C GLU C 51 -23.64 13.69 0.25
N PHE C 52 -23.97 12.47 0.66
CA PHE C 52 -25.25 11.89 0.31
C PHE C 52 -26.38 12.64 1.01
N THR C 53 -26.15 13.12 2.24
CA THR C 53 -27.16 13.90 2.94
C THR C 53 -27.28 15.32 2.37
N LYS C 54 -26.20 15.86 1.80
CA LYS C 54 -26.26 17.17 1.16
C LYS C 54 -27.04 17.13 -0.16
N MET C 55 -26.95 16.02 -0.91
CA MET C 55 -27.68 15.92 -2.17
C MET C 55 -29.14 15.52 -1.96
N VAL C 56 -29.39 14.49 -1.15
CA VAL C 56 -30.73 13.96 -0.91
C VAL C 56 -31.19 14.28 0.51
N SER C 57 -32.46 14.69 0.68
CA SER C 57 -33.06 14.93 1.99
C SER C 57 -33.81 13.69 2.48
N LEU C 58 -33.22 12.96 3.43
CA LEU C 58 -33.78 11.69 3.86
C LEU C 58 -34.92 11.90 4.85
N GLY C 59 -34.77 12.90 5.72
CA GLY C 59 -35.76 13.20 6.74
C GLY C 59 -35.91 12.04 7.73
N ASP C 60 -37.11 11.46 7.77
CA ASP C 60 -37.45 10.42 8.73
C ASP C 60 -36.82 9.07 8.35
N LEU C 61 -36.21 8.98 7.16
CA LEU C 61 -35.53 7.78 6.71
C LEU C 61 -34.13 7.66 7.33
N ALA C 62 -33.50 8.81 7.66
CA ALA C 62 -32.16 8.90 8.21
C ALA C 62 -31.89 7.82 9.26
N PRO C 63 -32.65 7.75 10.37
CA PRO C 63 -32.43 6.75 11.41
C PRO C 63 -32.50 5.28 11.00
N LYS C 64 -33.35 4.97 10.02
CA LYS C 64 -33.49 3.61 9.54
C LYS C 64 -32.29 3.25 8.66
N PHE C 65 -31.91 4.23 7.82
CA PHE C 65 -30.76 4.12 6.94
C PHE C 65 -29.48 3.95 7.76
N GLU C 66 -29.32 4.78 8.80
CA GLU C 66 -28.16 4.74 9.68
C GLU C 66 -28.12 3.44 10.49
N LEU C 67 -29.24 2.71 10.59
CA LEU C 67 -29.25 1.42 11.30
C LEU C 67 -28.80 0.30 10.37
N VAL C 68 -29.28 0.31 9.10
CA VAL C 68 -28.98 -0.75 8.15
C VAL C 68 -27.60 -0.56 7.50
N VAL C 69 -27.23 0.70 7.18
CA VAL C 69 -25.93 1.08 6.64
C VAL C 69 -25.11 1.75 7.76
N ARG C 70 -24.07 1.04 8.24
CA ARG C 70 -23.22 1.51 9.32
C ARG C 70 -22.24 2.56 8.78
N ILE C 71 -22.23 3.77 9.38
CA ILE C 71 -21.39 4.85 8.87
C ILE C 71 -20.08 4.95 9.66
N ARG C 72 -18.99 4.36 9.10
CA ARG C 72 -17.70 4.26 9.78
C ARG C 72 -16.66 5.13 9.08
N SER C 73 -15.65 5.56 9.86
CA SER C 73 -14.50 6.30 9.34
C SER C 73 -13.34 5.35 9.10
N PRO C 74 -12.72 5.44 7.89
CA PRO C 74 -11.63 4.53 7.53
C PRO C 74 -10.27 5.04 7.99
N ARG C 75 -10.22 6.06 8.87
CA ARG C 75 -8.97 6.70 9.26
C ARG C 75 -8.32 6.10 10.51
N LYS C 76 -8.23 4.78 10.44
CA LYS C 76 -7.54 3.95 11.41
C LYS C 76 -6.16 4.54 11.67
N TRP C 77 -5.62 4.16 12.83
N TRP C 77 -5.62 4.17 12.83
CA TRP C 77 -4.35 4.55 13.39
CA TRP C 77 -4.30 4.62 13.23
C TRP C 77 -3.29 3.61 12.88
C TRP C 77 -3.29 3.60 12.79
N GLY C 78 -2.08 4.05 12.50
CA GLY C 78 -1.05 3.11 12.07
C GLY C 78 -1.40 2.37 10.78
N LEU C 79 -2.52 2.76 10.16
CA LEU C 79 -2.78 2.18 8.85
C LEU C 79 -1.67 2.68 7.92
N MET C 80 -1.10 1.77 7.14
CA MET C 80 -0.02 2.12 6.23
C MET C 80 -0.43 1.60 4.87
N VAL C 81 -0.38 2.47 3.88
CA VAL C 81 -0.55 2.02 2.51
C VAL C 81 0.82 2.08 1.82
N PRO C 82 1.13 1.19 0.88
CA PRO C 82 2.36 1.30 0.09
C PRO C 82 2.35 2.62 -0.66
N ALA C 83 3.55 3.02 -1.12
CA ALA C 83 3.79 4.32 -1.71
C ALA C 83 3.22 4.41 -3.14
N GLU C 84 2.87 3.26 -3.72
CA GLU C 84 2.30 3.21 -5.06
C GLU C 84 0.83 3.61 -5.05
N PHE C 85 0.19 3.42 -3.89
CA PHE C 85 -1.19 3.83 -3.72
C PHE C 85 -1.24 5.36 -3.69
N LEU C 86 -0.16 5.96 -3.21
CA LEU C 86 -0.07 7.40 -3.16
C LEU C 86 -0.05 7.97 -4.57
N TYR C 87 0.56 7.20 -5.48
CA TYR C 87 0.79 7.69 -6.82
C TYR C 87 -0.43 7.40 -7.69
N GLU C 88 -1.11 6.30 -7.36
CA GLU C 88 -2.35 5.93 -8.04
C GLU C 88 -3.47 6.89 -7.67
N PHE C 89 -3.40 7.45 -6.47
CA PHE C 89 -4.36 8.46 -6.04
C PHE C 89 -4.13 9.77 -6.80
N ILE C 90 -2.85 10.12 -6.94
CA ILE C 90 -2.50 11.31 -7.68
C ILE C 90 -3.16 11.24 -9.07
N GLU C 91 -3.31 10.02 -9.58
CA GLU C 91 -3.81 9.85 -10.94
C GLU C 91 -5.35 9.87 -10.97
N GLU C 92 -5.97 9.40 -9.88
CA GLU C 92 -7.41 9.50 -9.76
C GLU C 92 -7.81 10.97 -9.64
N VAL C 93 -7.11 11.69 -8.76
CA VAL C 93 -7.34 13.11 -8.68
C VAL C 93 -7.37 13.70 -10.09
N ARG C 94 -6.33 13.41 -10.87
CA ARG C 94 -6.29 13.97 -12.20
C ARG C 94 -7.56 13.65 -13.01
N TYR C 95 -7.86 12.36 -13.20
CA TYR C 95 -9.09 11.90 -13.85
C TYR C 95 -10.33 12.68 -13.37
N ARG C 96 -10.44 12.84 -12.05
CA ARG C 96 -11.60 13.48 -11.47
C ARG C 96 -11.65 14.93 -11.89
N ILE C 97 -10.62 15.70 -11.55
CA ILE C 97 -10.65 17.12 -11.82
C ILE C 97 -10.93 17.30 -13.30
N ASN C 98 -10.44 16.40 -14.14
CA ASN C 98 -10.54 16.59 -15.58
C ASN C 98 -11.97 16.31 -16.01
N LYS C 99 -12.56 15.18 -15.58
CA LYS C 99 -13.95 14.86 -15.91
C LYS C 99 -14.85 16.07 -15.63
N GLY C 100 -14.54 16.76 -14.52
CA GLY C 100 -15.33 17.88 -14.07
C GLY C 100 -15.14 19.09 -14.97
N LEU C 101 -13.87 19.47 -15.20
CA LEU C 101 -13.56 20.53 -16.14
C LEU C 101 -14.29 20.21 -17.43
N ARG C 102 -14.22 18.97 -17.88
CA ARG C 102 -14.94 18.61 -19.09
C ARG C 102 -16.33 19.17 -18.94
N ILE C 103 -17.17 18.68 -18.01
CA ILE C 103 -18.54 19.18 -17.87
C ILE C 103 -18.58 20.70 -17.66
N ALA C 104 -17.80 21.32 -16.76
CA ALA C 104 -17.77 22.78 -16.71
C ALA C 104 -17.77 23.41 -18.10
N GLU C 105 -16.73 23.15 -18.86
CA GLU C 105 -16.58 23.73 -20.18
C GLU C 105 -17.60 23.10 -21.07
N GLU C 106 -17.70 21.81 -21.01
CA GLU C 106 -18.54 21.21 -22.00
C GLU C 106 -19.97 21.59 -21.81
N HIS C 107 -20.39 21.80 -20.55
CA HIS C 107 -21.70 22.31 -20.22
C HIS C 107 -21.81 23.73 -20.62
N THR C 108 -20.78 24.56 -20.37
CA THR C 108 -20.69 25.97 -20.71
C THR C 108 -20.14 26.13 -22.11
N LYS C 109 -20.15 25.07 -22.95
CA LYS C 109 -19.74 25.20 -24.35
C LYS C 109 -20.62 26.32 -24.88
N GLU C 110 -21.83 26.28 -24.33
CA GLU C 110 -22.85 27.28 -24.59
C GLU C 110 -22.18 28.45 -25.30
N VAL C 119 -23.64 40.37 -22.44
CA VAL C 119 -22.93 41.20 -21.42
C VAL C 119 -21.53 40.59 -21.21
N GLY C 120 -20.90 40.95 -20.07
CA GLY C 120 -19.63 40.37 -19.67
C GLY C 120 -19.73 39.55 -18.38
N ARG C 121 -20.90 39.52 -17.73
CA ARG C 121 -21.13 38.66 -16.58
C ARG C 121 -20.87 37.20 -16.97
N VAL C 122 -20.90 36.90 -18.28
CA VAL C 122 -20.68 35.54 -18.77
C VAL C 122 -19.37 35.00 -18.19
N VAL C 123 -18.37 35.88 -18.07
CA VAL C 123 -17.04 35.49 -17.61
C VAL C 123 -17.13 35.00 -16.16
N ASN C 124 -17.89 35.68 -15.28
CA ASN C 124 -17.96 35.35 -13.86
C ASN C 124 -18.67 34.03 -13.63
N ARG C 125 -19.72 33.80 -14.42
CA ARG C 125 -20.46 32.57 -14.32
C ARG C 125 -19.62 31.40 -14.80
N LEU C 126 -18.77 31.60 -15.81
CA LEU C 126 -17.80 30.59 -16.22
C LEU C 126 -16.77 30.39 -15.12
N ARG C 127 -16.35 31.47 -14.46
CA ARG C 127 -15.36 31.39 -13.40
C ARG C 127 -15.86 30.58 -12.24
N GLU C 128 -17.16 30.70 -11.93
CA GLU C 128 -17.72 29.93 -10.83
C GLU C 128 -17.82 28.46 -11.24
N LYS C 129 -18.39 28.19 -12.41
CA LYS C 129 -18.55 26.81 -12.81
C LYS C 129 -17.23 26.08 -12.99
N TYR C 130 -16.12 26.80 -13.12
CA TYR C 130 -14.82 26.15 -13.09
C TYR C 130 -14.41 25.89 -11.65
N ARG C 131 -14.52 26.92 -10.82
CA ARG C 131 -14.24 26.76 -9.40
C ARG C 131 -15.00 25.57 -8.83
N GLU C 132 -16.33 25.54 -8.97
CA GLU C 132 -17.16 24.45 -8.47
C GLU C 132 -16.70 23.09 -8.96
N ALA C 133 -16.08 23.06 -10.13
CA ALA C 133 -15.72 21.82 -10.78
C ALA C 133 -14.52 21.18 -10.09
N LEU C 134 -13.49 21.96 -9.77
CA LEU C 134 -12.32 21.42 -9.07
C LEU C 134 -12.64 21.14 -7.61
N ARG C 135 -13.40 22.04 -6.95
CA ARG C 135 -13.69 21.86 -5.54
C ARG C 135 -14.49 20.56 -5.36
N ALA C 136 -15.29 20.20 -6.38
CA ALA C 136 -16.10 18.99 -6.30
C ALA C 136 -15.34 17.77 -6.80
N GLY C 137 -14.25 17.99 -7.55
CA GLY C 137 -13.37 16.94 -8.00
C GLY C 137 -12.39 16.50 -6.91
N ILE C 138 -12.11 17.41 -5.99
CA ILE C 138 -11.31 17.05 -4.83
C ILE C 138 -12.17 16.41 -3.76
N ILE C 139 -13.43 16.81 -3.67
CA ILE C 139 -14.36 16.21 -2.72
C ILE C 139 -14.69 14.78 -3.13
N ASP C 140 -14.65 14.52 -4.44
CA ASP C 140 -14.98 13.22 -4.99
C ASP C 140 -13.77 12.30 -4.99
N SER C 141 -12.58 12.88 -4.89
CA SER C 141 -11.33 12.14 -4.79
C SER C 141 -11.09 11.68 -3.37
N LYS C 142 -11.42 12.55 -2.42
CA LYS C 142 -11.35 12.21 -1.00
C LYS C 142 -12.38 11.11 -0.74
N GLU C 143 -13.54 11.22 -1.39
CA GLU C 143 -14.54 10.19 -1.26
C GLU C 143 -13.99 8.86 -1.75
N ASP C 144 -13.32 8.90 -2.89
CA ASP C 144 -12.79 7.71 -3.53
C ASP C 144 -11.79 7.01 -2.61
N VAL C 145 -10.88 7.79 -2.00
CA VAL C 145 -9.90 7.19 -1.10
C VAL C 145 -10.63 6.55 0.09
N ASP C 146 -11.55 7.30 0.72
CA ASP C 146 -12.31 6.86 1.88
C ASP C 146 -13.01 5.52 1.58
N VAL C 147 -13.57 5.41 0.36
CA VAL C 147 -14.33 4.23 -0.03
C VAL C 147 -13.37 3.04 -0.16
N LEU C 148 -12.25 3.23 -0.85
CA LEU C 148 -11.30 2.14 -1.02
C LEU C 148 -10.70 1.70 0.31
N LEU C 149 -10.24 2.64 1.14
CA LEU C 149 -9.65 2.28 2.42
C LEU C 149 -10.65 1.52 3.30
N LEU C 150 -11.93 1.96 3.30
CA LEU C 150 -12.95 1.29 4.10
C LEU C 150 -13.19 -0.13 3.57
N SER C 151 -13.27 -0.27 2.24
CA SER C 151 -13.43 -1.55 1.58
C SER C 151 -12.27 -2.48 1.94
N TYR C 152 -11.05 -1.93 1.95
CA TYR C 152 -9.84 -2.70 2.22
C TYR C 152 -9.89 -3.22 3.66
N GLU C 153 -10.16 -2.31 4.60
CA GLU C 153 -10.14 -2.61 6.02
C GLU C 153 -11.16 -3.68 6.39
N LEU C 154 -12.36 -3.62 5.80
CA LEU C 154 -13.44 -4.56 6.11
C LEU C 154 -13.38 -5.82 5.23
N ASP C 155 -12.58 -5.79 4.15
CA ASP C 155 -12.51 -6.87 3.19
C ASP C 155 -13.87 -7.02 2.47
N ALA C 156 -14.49 -5.86 2.16
CA ALA C 156 -15.86 -5.73 1.70
C ALA C 156 -15.94 -5.58 0.18
N ILE C 157 -17.15 -5.80 -0.34
CA ILE C 157 -17.45 -5.70 -1.76
C ILE C 157 -17.89 -4.27 -2.04
N LEU C 158 -17.20 -3.61 -2.97
CA LEU C 158 -17.48 -2.21 -3.29
C LEU C 158 -18.62 -2.13 -4.32
N VAL C 159 -19.69 -1.44 -3.93
CA VAL C 159 -20.81 -1.15 -4.81
C VAL C 159 -20.66 0.31 -5.21
N SER C 160 -20.46 0.60 -6.51
CA SER C 160 -20.24 1.98 -6.91
C SER C 160 -21.12 2.38 -8.09
N GLY C 161 -20.74 2.06 -9.31
CA GLY C 161 -21.45 2.58 -10.47
C GLY C 161 -20.54 3.56 -11.21
N ASP C 162 -19.77 4.32 -10.43
CA ASP C 162 -18.73 5.17 -10.98
C ASP C 162 -17.63 4.32 -11.61
N GLU C 163 -17.47 4.48 -12.92
CA GLU C 163 -16.53 3.71 -13.72
C GLU C 163 -15.11 3.95 -13.23
N GLY C 164 -14.82 5.20 -12.91
CA GLY C 164 -13.46 5.62 -12.56
C GLY C 164 -13.00 4.97 -11.27
N LEU C 165 -13.91 4.97 -10.29
CA LEU C 165 -13.61 4.38 -8.99
C LEU C 165 -13.48 2.87 -9.13
N ARG C 166 -14.40 2.22 -9.86
CA ARG C 166 -14.37 0.77 -10.01
C ARG C 166 -13.11 0.31 -10.75
N LYS C 167 -12.60 1.12 -11.69
CA LYS C 167 -11.40 0.76 -12.41
C LYS C 167 -10.21 0.76 -11.46
N TRP C 168 -10.21 1.73 -10.53
CA TRP C 168 -9.14 1.86 -9.56
C TRP C 168 -9.23 0.72 -8.55
N ALA C 169 -10.45 0.47 -8.07
CA ALA C 169 -10.73 -0.59 -7.12
C ALA C 169 -10.14 -1.89 -7.65
N ASP C 170 -10.20 -2.07 -8.97
CA ASP C 170 -9.80 -3.30 -9.61
C ASP C 170 -8.28 -3.43 -9.64
N ARG C 171 -7.60 -2.30 -9.91
CA ARG C 171 -6.14 -2.20 -9.92
C ARG C 171 -5.57 -2.60 -8.55
N VAL C 172 -6.30 -2.26 -7.47
CA VAL C 172 -5.79 -2.44 -6.12
C VAL C 172 -6.35 -3.70 -5.45
N GLY C 173 -7.13 -4.52 -6.15
CA GLY C 173 -7.49 -5.85 -5.68
C GLY C 173 -8.74 -5.87 -4.79
N ILE C 174 -9.54 -4.80 -4.84
CA ILE C 174 -10.76 -4.69 -4.04
C ILE C 174 -11.89 -5.44 -4.75
N LYS C 175 -12.70 -6.14 -3.94
CA LYS C 175 -13.81 -6.93 -4.46
C LYS C 175 -14.88 -6.01 -5.02
N LEU C 176 -15.51 -6.45 -6.12
CA LEU C 176 -16.49 -5.63 -6.82
C LEU C 176 -17.72 -6.44 -7.19
N ILE C 177 -18.80 -5.71 -7.48
CA ILE C 177 -20.06 -6.26 -7.95
C ILE C 177 -20.57 -5.33 -9.05
N ASP C 178 -21.46 -5.85 -9.91
CA ASP C 178 -22.17 -4.97 -10.83
C ASP C 178 -23.23 -4.25 -9.99
N PRO C 179 -23.24 -2.90 -9.91
CA PRO C 179 -24.21 -2.24 -9.01
C PRO C 179 -25.66 -2.48 -9.46
N LYS C 180 -25.82 -2.80 -10.75
CA LYS C 180 -27.13 -3.03 -11.35
C LYS C 180 -27.76 -4.31 -10.81
N ASN C 181 -26.93 -5.20 -10.24
CA ASN C 181 -27.43 -6.46 -9.72
C ASN C 181 -27.55 -6.44 -8.19
N LEU C 182 -27.51 -5.27 -7.55
CA LEU C 182 -27.46 -5.22 -6.09
C LEU C 182 -28.71 -5.82 -5.47
N ARG C 183 -29.88 -5.43 -5.98
CA ARG C 183 -31.16 -5.89 -5.48
C ARG C 183 -31.21 -7.41 -5.61
N TYR C 184 -30.79 -7.91 -6.79
CA TYR C 184 -30.78 -9.34 -7.08
C TYR C 184 -29.94 -10.11 -6.07
N ILE C 185 -28.72 -9.59 -5.79
CA ILE C 185 -27.77 -10.23 -4.88
C ILE C 185 -28.40 -10.28 -3.48
N MET C 186 -29.00 -9.16 -3.06
CA MET C 186 -29.59 -9.02 -1.74
C MET C 186 -30.72 -10.04 -1.59
N GLU C 187 -31.51 -10.23 -2.66
CA GLU C 187 -32.69 -11.11 -2.62
C GLU C 187 -32.27 -12.56 -2.39
N ASN C 188 -31.12 -12.95 -2.95
CA ASN C 188 -30.61 -14.32 -2.90
C ASN C 188 -29.80 -14.58 -1.62
N LEU C 189 -30.01 -13.74 -0.59
CA LEU C 189 -29.32 -13.84 0.69
C LEU C 189 -30.28 -13.50 1.82
N THR C 190 -31.57 -13.85 1.70
CA THR C 190 -32.51 -13.47 2.76
C THR C 190 -32.43 -14.41 3.95
N LYS C 191 -32.74 -13.91 5.16
CA LYS C 191 -32.63 -14.66 6.40
C LYS C 191 -34.02 -14.78 7.04
N MET D 1 28.27 13.36 6.33
CA MET D 1 28.23 14.59 5.49
C MET D 1 26.77 14.92 5.11
N ASP D 2 26.47 16.21 4.95
CA ASP D 2 25.11 16.70 4.72
C ASP D 2 24.61 16.39 3.31
N THR D 3 23.34 15.99 3.25
CA THR D 3 22.70 15.68 1.99
C THR D 3 21.53 16.65 1.78
N PHE D 4 21.33 17.13 0.54
CA PHE D 4 20.26 18.06 0.23
C PHE D 4 19.45 17.58 -0.97
N VAL D 5 18.13 17.73 -0.91
CA VAL D 5 17.28 17.55 -2.07
C VAL D 5 16.78 18.94 -2.49
N LEU D 6 17.02 19.31 -3.76
CA LEU D 6 16.63 20.61 -4.31
C LEU D 6 15.30 20.54 -5.04
N ASP D 7 14.47 21.57 -4.82
CA ASP D 7 13.20 21.80 -5.50
C ASP D 7 13.49 22.57 -6.79
N THR D 8 12.49 22.64 -7.67
CA THR D 8 12.58 23.38 -8.90
C THR D 8 12.81 24.86 -8.59
N SER D 9 12.14 25.38 -7.55
CA SER D 9 12.15 26.78 -7.13
C SER D 9 13.53 27.27 -6.66
N VAL D 10 14.49 26.37 -6.50
CA VAL D 10 15.80 26.80 -5.99
C VAL D 10 16.50 27.62 -7.07
N PHE D 11 16.26 27.28 -8.35
CA PHE D 11 16.92 27.93 -9.46
C PHE D 11 15.94 28.70 -10.33
N THR D 12 14.63 28.69 -10.02
CA THR D 12 13.67 29.42 -10.83
C THR D 12 13.08 30.61 -10.10
N ASN D 13 13.04 30.58 -8.76
CA ASN D 13 12.57 31.74 -8.01
C ASN D 13 13.76 32.69 -7.82
N PRO D 14 13.66 33.98 -8.25
CA PRO D 14 14.80 34.87 -8.15
C PRO D 14 15.22 35.15 -6.70
N ASP D 15 14.26 35.19 -5.77
CA ASP D 15 14.54 35.51 -4.38
C ASP D 15 15.54 34.52 -3.80
N VAL D 16 15.65 33.35 -4.44
CA VAL D 16 16.54 32.29 -3.96
C VAL D 16 17.84 32.31 -4.74
N TYR D 17 17.75 32.36 -6.08
CA TYR D 17 18.92 32.18 -6.92
C TYR D 17 19.83 33.40 -6.96
N HIS D 18 19.31 34.56 -6.56
CA HIS D 18 20.07 35.80 -6.62
C HIS D 18 21.31 35.76 -5.71
N GLN D 19 21.37 34.80 -4.80
CA GLN D 19 22.51 34.71 -3.90
C GLN D 19 23.76 34.26 -4.67
N PHE D 20 23.57 33.57 -5.80
CA PHE D 20 24.65 33.05 -6.64
C PHE D 20 25.07 34.07 -7.70
N GLU D 21 24.11 34.68 -8.41
CA GLU D 21 24.35 35.75 -9.36
C GLU D 21 23.02 36.42 -9.68
N GLU D 22 22.99 37.27 -10.72
CA GLU D 22 21.75 37.96 -11.01
C GLU D 22 21.11 37.42 -12.28
N ASP D 23 21.87 36.64 -13.05
CA ASP D 23 21.29 35.93 -14.17
C ASP D 23 21.03 34.47 -13.78
N GLN D 24 19.85 34.00 -14.20
CA GLN D 24 19.54 32.60 -14.01
C GLN D 24 20.72 31.70 -14.40
N LEU D 25 21.28 31.76 -15.62
CA LEU D 25 22.34 30.83 -16.04
C LEU D 25 23.64 31.06 -15.27
N GLY D 26 23.73 32.29 -14.78
CA GLY D 26 24.91 32.71 -14.04
C GLY D 26 24.88 32.04 -12.69
N ALA D 27 23.67 32.04 -12.09
CA ALA D 27 23.43 31.51 -10.76
C ALA D 27 23.63 30.00 -10.78
N ILE D 28 23.07 29.37 -11.82
CA ILE D 28 23.16 27.93 -11.97
C ILE D 28 24.63 27.53 -12.08
N GLU D 29 25.38 28.26 -12.90
CA GLU D 29 26.77 27.92 -13.14
C GLU D 29 27.65 28.19 -11.93
N ASN D 30 27.27 29.18 -11.13
CA ASN D 30 28.01 29.51 -9.93
C ASN D 30 27.78 28.42 -8.90
N PHE D 31 26.51 27.97 -8.82
CA PHE D 31 26.11 26.92 -7.92
C PHE D 31 26.90 25.64 -8.24
N ILE D 32 26.94 25.27 -9.53
CA ILE D 32 27.58 24.04 -9.99
C ILE D 32 29.05 24.06 -9.60
N SER D 33 29.71 25.22 -9.77
CA SER D 33 31.13 25.38 -9.50
C SER D 33 31.40 25.18 -8.01
N LEU D 34 30.52 25.76 -7.19
CA LEU D 34 30.67 25.69 -5.75
C LEU D 34 30.40 24.26 -5.28
N ALA D 35 29.38 23.62 -5.87
CA ALA D 35 29.00 22.25 -5.50
C ALA D 35 30.16 21.28 -5.65
N SER D 36 31.09 21.56 -6.58
CA SER D 36 32.26 20.73 -6.85
C SER D 36 33.21 20.76 -5.66
N HIS D 37 33.32 21.92 -4.99
CA HIS D 37 34.28 22.12 -3.93
C HIS D 37 33.61 22.12 -2.55
N THR D 38 32.42 21.50 -2.45
CA THR D 38 31.76 21.41 -1.16
C THR D 38 31.52 19.97 -0.75
N ASN D 39 31.68 19.76 0.56
CA ASN D 39 31.61 18.42 1.13
C ASN D 39 30.16 18.13 1.46
N ALA D 40 29.38 17.85 0.41
CA ALA D 40 27.95 17.69 0.48
C ALA D 40 27.46 16.96 -0.76
N ASN D 41 26.37 16.19 -0.56
CA ASN D 41 25.70 15.50 -1.66
C ASN D 41 24.45 16.27 -2.05
N PHE D 42 24.21 16.42 -3.37
CA PHE D 42 23.01 17.08 -3.85
C PHE D 42 22.19 16.10 -4.68
N PHE D 43 20.86 16.21 -4.56
CA PHE D 43 19.92 15.34 -5.23
C PHE D 43 18.70 16.14 -5.69
N MET D 44 18.02 15.62 -6.69
CA MET D 44 16.81 16.24 -7.21
C MET D 44 15.98 15.10 -7.79
N PRO D 45 14.66 14.98 -7.49
CA PRO D 45 13.87 13.90 -8.07
C PRO D 45 13.82 14.00 -9.59
N THR D 46 13.65 12.85 -10.27
CA THR D 46 13.61 12.80 -11.73
C THR D 46 12.53 13.74 -12.29
N SER D 47 11.36 13.75 -11.65
CA SER D 47 10.22 14.53 -12.11
C SER D 47 10.52 16.02 -12.00
N VAL D 48 11.18 16.41 -10.92
CA VAL D 48 11.53 17.79 -10.66
C VAL D 48 12.57 18.25 -11.68
N TYR D 49 13.55 17.39 -11.96
CA TYR D 49 14.60 17.73 -12.91
C TYR D 49 14.02 17.91 -14.32
N TYR D 50 13.04 17.06 -14.67
CA TYR D 50 12.37 17.16 -15.95
C TYR D 50 11.71 18.54 -16.15
N GLU D 51 10.95 19.00 -15.15
CA GLU D 51 10.28 20.29 -15.22
C GLU D 51 11.28 21.44 -15.24
N PHE D 52 12.39 21.27 -14.53
CA PHE D 52 13.47 22.25 -14.51
C PHE D 52 14.08 22.43 -15.90
N THR D 53 14.28 21.32 -16.62
CA THR D 53 14.83 21.36 -17.98
C THR D 53 13.86 21.99 -18.99
N LYS D 54 12.55 21.85 -18.76
CA LYS D 54 11.57 22.50 -19.63
C LYS D 54 11.60 24.02 -19.43
N MET D 55 11.81 24.48 -18.21
CA MET D 55 11.77 25.90 -17.92
C MET D 55 13.09 26.59 -18.26
N VAL D 56 14.21 25.86 -18.18
CA VAL D 56 15.51 26.48 -18.38
C VAL D 56 16.30 25.64 -19.38
N SER D 57 16.92 26.29 -20.36
CA SER D 57 17.76 25.60 -21.35
C SER D 57 19.19 25.52 -20.82
N LEU D 58 19.63 24.38 -20.30
CA LEU D 58 20.94 24.30 -19.66
C LEU D 58 22.05 24.18 -20.71
N GLY D 59 21.75 23.44 -21.78
CA GLY D 59 22.73 23.16 -22.81
C GLY D 59 23.97 22.45 -22.25
N ASP D 60 25.15 23.08 -22.38
CA ASP D 60 26.43 22.47 -22.07
C ASP D 60 26.57 22.24 -20.56
N LEU D 61 25.71 22.89 -19.76
CA LEU D 61 25.73 22.83 -18.30
C LEU D 61 25.14 21.53 -17.78
N ALA D 62 24.14 20.99 -18.49
CA ALA D 62 23.43 19.76 -18.15
C ALA D 62 24.34 18.67 -17.60
N PRO D 63 25.40 18.17 -18.31
CA PRO D 63 26.30 17.15 -17.78
C PRO D 63 27.03 17.45 -16.47
N LYS D 64 27.40 18.72 -16.27
CA LYS D 64 28.06 19.14 -15.03
C LYS D 64 27.04 19.16 -13.89
N PHE D 65 25.83 19.67 -14.21
CA PHE D 65 24.71 19.78 -13.29
C PHE D 65 24.27 18.39 -12.85
N GLU D 66 24.18 17.45 -13.82
CA GLU D 66 23.79 16.07 -13.55
C GLU D 66 24.86 15.34 -12.73
N LEU D 67 26.09 15.85 -12.72
CA LEU D 67 27.17 15.22 -11.98
C LEU D 67 27.16 15.69 -10.52
N VAL D 68 26.88 16.97 -10.29
CA VAL D 68 26.87 17.53 -8.94
C VAL D 68 25.53 17.27 -8.24
N VAL D 69 24.42 17.41 -8.97
CA VAL D 69 23.08 17.13 -8.48
C VAL D 69 22.62 15.79 -9.05
N ARG D 70 22.58 14.76 -8.20
CA ARG D 70 22.21 13.42 -8.64
C ARG D 70 20.70 13.34 -8.79
N ILE D 71 20.24 12.91 -9.97
CA ILE D 71 18.83 12.81 -10.25
C ILE D 71 18.34 11.39 -9.96
N ARG D 72 17.68 11.17 -8.81
CA ARG D 72 17.14 9.87 -8.44
C ARG D 72 15.60 9.90 -8.46
N SER D 73 14.97 8.74 -8.68
CA SER D 73 13.52 8.58 -8.55
C SER D 73 13.18 8.04 -7.18
N PRO D 74 12.22 8.63 -6.45
CA PRO D 74 11.92 8.21 -5.07
C PRO D 74 10.95 7.05 -4.99
N ARG D 75 10.56 6.48 -6.15
CA ARG D 75 9.56 5.44 -6.22
C ARG D 75 10.15 4.10 -5.84
N LYS D 76 10.36 3.97 -4.51
CA LYS D 76 10.77 2.74 -3.85
C LYS D 76 9.95 1.45 -3.81
N TRP D 77 10.68 0.40 -3.90
N TRP D 77 10.69 0.41 -3.84
CA TRP D 77 9.71 -0.70 -3.89
CA TRP D 77 9.70 -0.65 -3.86
C TRP D 77 8.94 -0.95 -2.60
C TRP D 77 8.92 -0.93 -2.57
N GLY D 78 9.60 -1.30 -1.51
CA GLY D 78 8.83 -1.74 -0.36
C GLY D 78 8.35 -0.59 0.52
N LEU D 79 8.41 0.64 -0.01
CA LEU D 79 8.13 1.85 0.73
C LEU D 79 6.63 1.93 1.01
N MET D 80 6.34 2.27 2.27
CA MET D 80 5.00 2.43 2.77
C MET D 80 4.89 3.79 3.47
N VAL D 81 3.81 4.52 3.17
CA VAL D 81 3.50 5.74 3.88
C VAL D 81 2.22 5.55 4.67
N PRO D 82 2.14 6.21 5.84
CA PRO D 82 0.94 6.15 6.67
C PRO D 82 -0.24 6.77 5.93
N ALA D 83 -1.44 6.28 6.25
CA ALA D 83 -2.65 6.77 5.60
C ALA D 83 -2.87 8.27 5.84
N GLU D 84 -2.31 8.87 6.89
CA GLU D 84 -2.27 10.31 7.12
C GLU D 84 -1.72 11.11 5.98
N PHE D 85 -0.62 10.58 5.45
CA PHE D 85 0.15 11.25 4.44
C PHE D 85 -0.69 11.42 3.19
N LEU D 86 -1.56 10.44 2.99
CA LEU D 86 -2.41 10.34 1.80
C LEU D 86 -3.43 11.46 1.82
N TYR D 87 -3.98 11.70 3.01
CA TYR D 87 -4.99 12.73 3.21
C TYR D 87 -4.33 14.11 3.15
N GLU D 88 -3.09 14.21 3.65
CA GLU D 88 -2.35 15.47 3.66
C GLU D 88 -2.05 15.86 2.22
N PHE D 89 -1.87 14.86 1.37
CA PHE D 89 -1.58 15.12 -0.02
C PHE D 89 -2.80 15.74 -0.70
N ILE D 90 -4.00 15.32 -0.30
CA ILE D 90 -5.19 15.88 -0.91
C ILE D 90 -5.27 17.38 -0.62
N GLU D 91 -4.87 17.78 0.59
CA GLU D 91 -4.88 19.18 1.02
C GLU D 91 -3.82 19.96 0.24
N GLU D 92 -2.72 19.31 -0.12
CA GLU D 92 -1.66 19.98 -0.86
C GLU D 92 -2.14 20.24 -2.29
N VAL D 93 -2.89 19.29 -2.86
CA VAL D 93 -3.47 19.50 -4.18
C VAL D 93 -4.45 20.67 -4.11
N ARG D 94 -5.31 20.71 -3.07
CA ARG D 94 -6.22 21.82 -2.88
C ARG D 94 -5.46 23.16 -2.84
N TYR D 95 -4.38 23.24 -2.04
CA TYR D 95 -3.54 24.43 -1.93
C TYR D 95 -3.01 24.85 -3.30
N ARG D 96 -2.43 23.88 -4.05
CA ARG D 96 -1.76 24.10 -5.32
C ARG D 96 -2.76 24.60 -6.36
N ILE D 97 -3.90 23.91 -6.47
CA ILE D 97 -4.91 24.22 -7.47
C ILE D 97 -5.49 25.61 -7.21
N ASN D 98 -5.83 25.90 -5.95
CA ASN D 98 -6.45 27.19 -5.60
C ASN D 98 -5.46 28.34 -5.73
N LYS D 99 -4.16 28.10 -5.48
CA LYS D 99 -3.17 29.15 -5.68
C LYS D 99 -3.01 29.45 -7.17
N GLY D 100 -2.97 28.38 -7.98
CA GLY D 100 -2.83 28.48 -9.43
C GLY D 100 -4.07 29.05 -10.10
N LEU D 101 -5.23 28.89 -9.45
CA LEU D 101 -6.51 29.37 -9.93
C LEU D 101 -6.63 30.85 -9.63
N ARG D 102 -6.08 31.32 -8.49
CA ARG D 102 -6.06 32.73 -8.13
C ARG D 102 -5.30 33.53 -9.20
N ILE D 103 -4.10 33.07 -9.56
CA ILE D 103 -3.22 33.74 -10.52
C ILE D 103 -3.79 33.71 -11.92
N ALA D 104 -4.62 32.72 -12.28
CA ALA D 104 -5.28 32.71 -13.58
C ALA D 104 -6.33 33.80 -13.65
N GLU D 105 -7.07 33.98 -12.53
CA GLU D 105 -8.24 34.84 -12.46
C GLU D 105 -7.82 36.29 -12.49
N GLU D 106 -6.71 36.55 -11.84
CA GLU D 106 -6.28 37.91 -11.65
C GLU D 106 -5.84 38.52 -12.96
N HIS D 107 -5.11 37.76 -13.76
CA HIS D 107 -4.60 38.26 -15.03
C HIS D 107 -5.81 38.63 -15.88
N THR D 108 -6.80 37.71 -15.93
CA THR D 108 -8.11 37.94 -16.54
C THR D 108 -7.95 38.72 -17.85
N GLY D 120 -16.48 37.85 -26.75
CA GLY D 120 -16.33 36.64 -27.56
C GLY D 120 -14.92 36.07 -27.42
N ARG D 121 -13.92 36.95 -27.45
CA ARG D 121 -12.53 36.53 -27.44
C ARG D 121 -12.00 36.38 -26.00
N VAL D 122 -12.59 36.97 -24.96
CA VAL D 122 -11.96 36.96 -23.63
C VAL D 122 -12.24 35.65 -22.84
N VAL D 123 -13.32 34.98 -23.25
CA VAL D 123 -13.90 33.75 -22.72
C VAL D 123 -13.04 32.54 -23.08
N ASN D 124 -12.38 32.66 -24.22
CA ASN D 124 -11.66 31.61 -24.87
C ASN D 124 -10.22 31.53 -24.36
N ARG D 125 -9.68 32.69 -23.95
CA ARG D 125 -8.35 32.71 -23.35
C ARG D 125 -8.45 32.39 -21.89
N LEU D 126 -9.64 32.58 -21.29
CA LEU D 126 -9.88 32.25 -19.90
C LEU D 126 -10.04 30.73 -19.72
N ARG D 127 -10.63 30.00 -20.66
CA ARG D 127 -10.79 28.55 -20.49
C ARG D 127 -9.45 27.83 -20.57
N GLU D 128 -8.63 28.28 -21.51
CA GLU D 128 -7.34 27.64 -21.66
C GLU D 128 -6.40 28.09 -20.53
N LYS D 129 -6.67 29.22 -19.87
CA LYS D 129 -5.89 29.70 -18.75
C LYS D 129 -6.26 28.98 -17.46
N TYR D 130 -7.50 28.51 -17.33
CA TYR D 130 -7.91 27.70 -16.19
C TYR D 130 -7.53 26.24 -16.36
N ARG D 131 -7.38 25.75 -17.60
CA ARG D 131 -6.90 24.40 -17.77
C ARG D 131 -5.41 24.33 -17.45
N GLU D 132 -4.64 25.34 -17.85
CA GLU D 132 -3.21 25.36 -17.56
C GLU D 132 -2.94 25.60 -16.09
N ALA D 133 -3.93 26.07 -15.34
CA ALA D 133 -3.76 26.35 -13.93
C ALA D 133 -3.89 25.06 -13.14
N LEU D 134 -4.88 24.21 -13.51
CA LEU D 134 -5.14 22.93 -12.89
C LEU D 134 -4.05 21.94 -13.27
N ARG D 135 -3.71 21.87 -14.56
CA ARG D 135 -2.79 20.83 -15.00
C ARG D 135 -1.42 21.07 -14.40
N ALA D 136 -1.03 22.34 -14.25
CA ALA D 136 0.23 22.68 -13.61
C ALA D 136 0.15 22.48 -12.11
N GLY D 137 -1.03 22.73 -11.52
CA GLY D 137 -1.32 22.50 -10.11
C GLY D 137 -1.18 21.03 -9.70
N ILE D 138 -1.45 20.12 -10.63
CA ILE D 138 -1.31 18.69 -10.38
C ILE D 138 0.15 18.32 -10.53
N ILE D 139 0.81 18.85 -11.57
CA ILE D 139 2.22 18.63 -11.82
C ILE D 139 3.04 19.05 -10.60
N ASP D 140 2.69 20.19 -10.01
CA ASP D 140 3.38 20.73 -8.85
C ASP D 140 3.15 19.85 -7.62
N SER D 141 1.96 19.26 -7.51
CA SER D 141 1.63 18.40 -6.38
C SER D 141 2.36 17.07 -6.46
N LYS D 142 2.51 16.51 -7.67
CA LYS D 142 3.26 15.28 -7.87
C LYS D 142 4.73 15.54 -7.60
N GLU D 143 5.24 16.74 -7.95
CA GLU D 143 6.62 17.09 -7.68
C GLU D 143 6.83 17.18 -6.17
N ASP D 144 5.85 17.76 -5.45
CA ASP D 144 5.95 17.95 -4.01
C ASP D 144 6.15 16.60 -3.33
N VAL D 145 5.33 15.61 -3.73
CA VAL D 145 5.40 14.27 -3.16
C VAL D 145 6.76 13.66 -3.44
N ASP D 146 7.23 13.72 -4.70
CA ASP D 146 8.52 13.21 -5.11
C ASP D 146 9.64 13.82 -4.25
N VAL D 147 9.55 15.14 -3.99
CA VAL D 147 10.56 15.83 -3.22
C VAL D 147 10.55 15.32 -1.78
N LEU D 148 9.35 15.22 -1.17
CA LEU D 148 9.21 14.78 0.21
C LEU D 148 9.70 13.35 0.39
N LEU D 149 9.22 12.44 -0.49
CA LEU D 149 9.61 11.04 -0.40
C LEU D 149 11.12 10.86 -0.55
N LEU D 150 11.74 11.59 -1.50
CA LEU D 150 13.18 11.46 -1.69
C LEU D 150 13.91 11.98 -0.46
N SER D 151 13.44 13.12 0.08
CA SER D 151 14.04 13.70 1.27
C SER D 151 13.97 12.72 2.43
N TYR D 152 12.83 12.03 2.57
CA TYR D 152 12.62 11.08 3.66
C TYR D 152 13.56 9.89 3.52
N GLU D 153 13.58 9.31 2.31
CA GLU D 153 14.39 8.16 2.00
C GLU D 153 15.87 8.40 2.27
N LEU D 154 16.41 9.58 1.87
CA LEU D 154 17.84 9.88 2.03
C LEU D 154 18.14 10.54 3.37
N ASP D 155 17.11 10.94 4.13
CA ASP D 155 17.26 11.69 5.37
C ASP D 155 17.99 13.00 5.09
N ALA D 156 17.55 13.69 4.02
CA ALA D 156 18.17 14.87 3.47
C ALA D 156 17.47 16.16 3.92
N ILE D 157 18.15 17.28 3.70
CA ILE D 157 17.68 18.62 4.02
C ILE D 157 17.00 19.16 2.76
N LEU D 158 15.70 19.45 2.87
CA LEU D 158 14.93 19.94 1.73
C LEU D 158 15.17 21.44 1.54
N VAL D 159 15.68 21.79 0.35
CA VAL D 159 15.88 23.18 -0.01
C VAL D 159 14.77 23.60 -0.96
N SER D 160 13.92 24.57 -0.57
CA SER D 160 12.73 24.80 -1.36
C SER D 160 12.46 26.26 -1.68
N GLY D 161 11.92 27.03 -0.75
CA GLY D 161 11.52 28.35 -1.21
C GLY D 161 10.01 28.47 -1.41
N ASP D 162 9.36 27.42 -1.97
CA ASP D 162 7.91 27.31 -2.03
C ASP D 162 7.37 27.10 -0.62
N GLU D 163 6.79 28.16 -0.07
CA GLU D 163 6.44 28.20 1.32
C GLU D 163 5.48 27.07 1.64
N GLY D 164 4.64 26.73 0.66
CA GLY D 164 3.60 25.73 0.80
C GLY D 164 4.14 24.35 1.14
N LEU D 165 5.16 23.96 0.34
CA LEU D 165 5.88 22.69 0.41
C LEU D 165 6.64 22.64 1.72
N ARG D 166 7.34 23.72 2.07
CA ARG D 166 8.16 23.80 3.28
C ARG D 166 7.32 23.58 4.53
N LYS D 167 6.02 23.88 4.43
CA LYS D 167 5.18 23.82 5.61
C LYS D 167 4.57 22.42 5.71
N TRP D 168 4.47 21.75 4.56
CA TRP D 168 4.12 20.33 4.55
C TRP D 168 5.31 19.54 5.07
N ALA D 169 6.48 19.86 4.54
CA ALA D 169 7.70 19.17 4.93
C ALA D 169 7.84 19.20 6.46
N ASP D 170 7.40 20.30 7.06
CA ASP D 170 7.59 20.51 8.48
C ASP D 170 6.62 19.64 9.29
N ARG D 171 5.36 19.57 8.83
CA ARG D 171 4.33 18.72 9.44
C ARG D 171 4.78 17.27 9.50
N VAL D 172 5.60 16.83 8.52
CA VAL D 172 5.97 15.43 8.39
C VAL D 172 7.42 15.19 8.84
N GLY D 173 8.07 16.23 9.39
CA GLY D 173 9.33 16.12 10.11
C GLY D 173 10.57 15.97 9.21
N ILE D 174 10.48 16.46 7.96
CA ILE D 174 11.62 16.53 7.06
C ILE D 174 12.50 17.71 7.47
N LYS D 175 13.83 17.52 7.37
CA LYS D 175 14.79 18.57 7.67
C LYS D 175 14.68 19.71 6.64
N LEU D 176 14.83 20.96 7.10
CA LEU D 176 14.70 22.12 6.25
C LEU D 176 15.85 23.10 6.45
N ILE D 177 15.97 24.02 5.49
CA ILE D 177 16.92 25.11 5.53
C ILE D 177 16.20 26.33 4.96
N ASP D 178 16.65 27.53 5.33
CA ASP D 178 16.23 28.75 4.63
C ASP D 178 16.92 28.71 3.27
N PRO D 179 16.21 28.72 2.12
CA PRO D 179 16.87 28.59 0.82
C PRO D 179 17.80 29.78 0.55
N LYS D 180 17.52 30.92 1.22
CA LYS D 180 18.31 32.12 1.02
C LYS D 180 19.72 31.95 1.60
N ASN D 181 19.92 30.94 2.46
CA ASN D 181 21.21 30.76 3.11
C ASN D 181 21.98 29.59 2.51
N LEU D 182 21.55 29.09 1.33
CA LEU D 182 22.14 27.88 0.77
C LEU D 182 23.62 28.08 0.44
N ARG D 183 23.94 29.20 -0.25
CA ARG D 183 25.30 29.51 -0.63
C ARG D 183 26.18 29.60 0.63
N TYR D 184 25.65 30.28 1.66
CA TYR D 184 26.38 30.50 2.90
C TYR D 184 26.74 29.16 3.52
N ILE D 185 25.78 28.24 3.53
CA ILE D 185 25.97 26.93 4.13
C ILE D 185 27.03 26.14 3.35
N MET D 186 26.95 26.23 2.02
CA MET D 186 27.86 25.52 1.14
C MET D 186 29.28 26.04 1.37
N GLU D 187 29.41 27.35 1.59
CA GLU D 187 30.72 27.96 1.77
C GLU D 187 31.37 27.49 3.08
N ASN D 188 30.56 27.16 4.09
CA ASN D 188 31.04 26.75 5.41
C ASN D 188 31.25 25.24 5.52
N LEU D 189 31.13 24.51 4.39
CA LEU D 189 31.36 23.08 4.29
C LEU D 189 32.44 22.76 3.24
N THR D 190 33.43 23.65 3.08
CA THR D 190 34.43 23.38 2.06
C THR D 190 35.60 22.65 2.69
N MET E 1 -14.96 -26.21 2.29
CA MET E 1 -15.64 -26.64 1.04
C MET E 1 -14.78 -26.30 -0.16
N ASP E 2 -15.00 -27.01 -1.28
CA ASP E 2 -14.20 -26.91 -2.49
C ASP E 2 -14.37 -25.58 -3.21
N THR E 3 -13.25 -24.96 -3.59
CA THR E 3 -13.24 -23.71 -4.33
C THR E 3 -12.62 -23.94 -5.71
N PHE E 4 -13.18 -23.32 -6.75
CA PHE E 4 -12.71 -23.50 -8.11
C PHE E 4 -12.52 -22.14 -8.79
N VAL E 5 -11.40 -22.00 -9.51
CA VAL E 5 -11.19 -20.86 -10.39
C VAL E 5 -11.32 -21.33 -11.84
N LEU E 6 -12.22 -20.69 -12.61
CA LEU E 6 -12.53 -21.11 -13.96
C LEU E 6 -11.79 -20.24 -14.98
N ASP E 7 -11.31 -20.90 -16.05
CA ASP E 7 -10.68 -20.25 -17.18
C ASP E 7 -11.76 -19.86 -18.19
N THR E 8 -11.36 -19.11 -19.21
CA THR E 8 -12.23 -18.76 -20.32
C THR E 8 -12.63 -20.03 -21.09
N SER E 9 -11.67 -20.95 -21.29
CA SER E 9 -11.81 -22.15 -22.08
C SER E 9 -12.76 -23.17 -21.46
N VAL E 10 -13.27 -22.91 -20.25
CA VAL E 10 -14.20 -23.86 -19.65
C VAL E 10 -15.54 -23.82 -20.37
N PHE E 11 -15.92 -22.64 -20.88
CA PHE E 11 -17.18 -22.44 -21.56
C PHE E 11 -16.98 -22.07 -23.04
N THR E 12 -15.74 -22.01 -23.53
CA THR E 12 -15.52 -21.66 -24.93
C THR E 12 -14.86 -22.78 -25.73
N ASN E 13 -14.50 -23.88 -25.08
CA ASN E 13 -13.95 -25.04 -25.76
C ASN E 13 -15.04 -26.11 -25.76
N PRO E 14 -15.47 -26.63 -26.94
CA PRO E 14 -16.59 -27.56 -26.99
C PRO E 14 -16.29 -28.88 -26.24
N ASP E 15 -15.03 -29.34 -26.26
CA ASP E 15 -14.60 -30.58 -25.61
C ASP E 15 -14.97 -30.57 -24.13
N VAL E 16 -15.11 -29.37 -23.55
CA VAL E 16 -15.30 -29.21 -22.11
C VAL E 16 -16.76 -28.90 -21.80
N TYR E 17 -17.40 -28.01 -22.57
CA TYR E 17 -18.77 -27.59 -22.27
C TYR E 17 -19.82 -28.61 -22.72
N HIS E 18 -19.45 -29.58 -23.58
CA HIS E 18 -20.40 -30.57 -24.07
C HIS E 18 -20.99 -31.42 -22.95
N GLN E 19 -20.33 -31.47 -21.80
CA GLN E 19 -20.80 -32.31 -20.70
C GLN E 19 -22.08 -31.71 -20.09
N PHE E 20 -22.26 -30.39 -20.26
CA PHE E 20 -23.43 -29.69 -19.74
C PHE E 20 -24.55 -29.68 -20.77
N GLU E 21 -24.19 -29.41 -22.04
CA GLU E 21 -25.11 -29.43 -23.18
C GLU E 21 -24.33 -29.25 -24.48
N GLU E 22 -24.98 -29.54 -25.63
CA GLU E 22 -24.39 -29.41 -26.96
C GLU E 22 -24.31 -27.95 -27.42
N ASP E 23 -25.20 -27.11 -26.90
CA ASP E 23 -25.21 -25.70 -27.28
C ASP E 23 -24.30 -24.97 -26.30
N GLN E 24 -23.67 -23.87 -26.73
CA GLN E 24 -22.85 -23.07 -25.84
C GLN E 24 -23.70 -22.42 -24.74
N LEU E 25 -24.70 -21.63 -25.14
CA LEU E 25 -25.54 -20.86 -24.23
C LEU E 25 -26.31 -21.79 -23.30
N GLY E 26 -26.53 -23.03 -23.73
CA GLY E 26 -27.31 -24.00 -23.00
C GLY E 26 -26.46 -24.67 -21.94
N ALA E 27 -25.18 -24.89 -22.26
CA ALA E 27 -24.20 -25.45 -21.34
C ALA E 27 -23.95 -24.47 -20.20
N ILE E 28 -23.80 -23.18 -20.53
CA ILE E 28 -23.56 -22.13 -19.55
C ILE E 28 -24.77 -22.08 -18.61
N GLU E 29 -25.97 -22.14 -19.17
CA GLU E 29 -27.19 -22.03 -18.42
C GLU E 29 -27.39 -23.21 -17.49
N ASN E 30 -26.99 -24.40 -17.97
CA ASN E 30 -27.09 -25.64 -17.23
C ASN E 30 -26.11 -25.60 -16.07
N PHE E 31 -24.88 -25.10 -16.35
CA PHE E 31 -23.83 -24.95 -15.36
C PHE E 31 -24.30 -24.03 -14.24
N ILE E 32 -24.90 -22.89 -14.58
CA ILE E 32 -25.34 -21.90 -13.60
C ILE E 32 -26.39 -22.50 -12.69
N SER E 33 -27.33 -23.26 -13.27
CA SER E 33 -28.42 -23.89 -12.53
C SER E 33 -27.84 -24.89 -11.52
N LEU E 34 -26.87 -25.71 -11.98
CA LEU E 34 -26.21 -26.75 -11.19
C LEU E 34 -25.35 -26.12 -10.09
N ALA E 35 -24.69 -24.99 -10.40
CA ALA E 35 -23.82 -24.30 -9.45
C ALA E 35 -24.62 -23.84 -8.22
N SER E 36 -25.91 -23.50 -8.42
CA SER E 36 -26.72 -22.92 -7.36
C SER E 36 -26.98 -23.94 -6.25
N HIS E 37 -27.17 -25.21 -6.65
CA HIS E 37 -27.50 -26.35 -5.82
C HIS E 37 -26.22 -27.00 -5.27
N THR E 38 -25.06 -26.72 -5.86
CA THR E 38 -23.81 -27.38 -5.49
C THR E 38 -23.14 -26.67 -4.29
N ASN E 39 -22.50 -27.48 -3.44
CA ASN E 39 -21.79 -27.02 -2.24
C ASN E 39 -20.33 -26.75 -2.61
N ALA E 40 -20.13 -25.69 -3.39
CA ALA E 40 -18.81 -25.27 -3.86
C ALA E 40 -18.82 -23.80 -4.28
N ASN E 41 -17.69 -23.12 -4.06
CA ASN E 41 -17.50 -21.73 -4.44
C ASN E 41 -16.84 -21.65 -5.81
N PHE E 42 -17.38 -20.79 -6.68
CA PHE E 42 -16.80 -20.59 -7.99
C PHE E 42 -16.32 -19.16 -8.14
N PHE E 43 -15.20 -19.02 -8.86
CA PHE E 43 -14.53 -17.74 -9.07
C PHE E 43 -13.93 -17.68 -10.46
N MET E 44 -13.77 -16.46 -10.96
CA MET E 44 -13.17 -16.23 -12.26
C MET E 44 -12.53 -14.84 -12.22
N PRO E 45 -11.24 -14.66 -12.61
CA PRO E 45 -10.61 -13.35 -12.57
C PRO E 45 -11.35 -12.32 -13.41
N THR E 46 -11.26 -11.05 -13.03
CA THR E 46 -11.94 -9.96 -13.71
C THR E 46 -11.57 -9.96 -15.19
N SER E 47 -10.28 -10.15 -15.49
CA SER E 47 -9.75 -10.04 -16.84
C SER E 47 -10.31 -11.17 -17.70
N VAL E 48 -10.41 -12.36 -17.09
CA VAL E 48 -10.91 -13.56 -17.75
C VAL E 48 -12.39 -13.41 -18.07
N TYR E 49 -13.16 -12.88 -17.12
CA TYR E 49 -14.60 -12.67 -17.31
C TYR E 49 -14.86 -11.65 -18.41
N TYR E 50 -14.03 -10.61 -18.49
CA TYR E 50 -14.19 -9.60 -19.51
C TYR E 50 -14.07 -10.23 -20.90
N GLU E 51 -13.03 -11.06 -21.12
CA GLU E 51 -12.80 -11.67 -22.42
C GLU E 51 -13.90 -12.69 -22.73
N PHE E 52 -14.42 -13.34 -21.69
CA PHE E 52 -15.50 -14.30 -21.82
C PHE E 52 -16.75 -13.61 -22.36
N THR E 53 -17.04 -12.41 -21.84
CA THR E 53 -18.20 -11.63 -22.27
C THR E 53 -18.02 -11.09 -23.69
N LYS E 54 -16.77 -10.79 -24.10
CA LYS E 54 -16.54 -10.32 -25.46
C LYS E 54 -16.79 -11.43 -26.48
N MET E 55 -16.58 -12.69 -26.07
CA MET E 55 -16.75 -13.82 -26.96
C MET E 55 -18.21 -14.30 -26.97
N VAL E 56 -18.83 -14.40 -25.79
CA VAL E 56 -20.18 -14.95 -25.68
C VAL E 56 -21.11 -13.83 -25.18
N SER E 57 -22.31 -13.71 -25.78
CA SER E 57 -23.29 -12.72 -25.35
C SER E 57 -24.26 -13.35 -24.34
N LEU E 58 -24.02 -13.14 -23.04
CA LEU E 58 -24.79 -13.81 -22.01
C LEU E 58 -26.19 -13.24 -21.90
N GLY E 59 -26.37 -11.94 -22.16
CA GLY E 59 -27.69 -11.34 -22.07
C GLY E 59 -28.26 -11.36 -20.66
N ASP E 60 -29.32 -12.15 -20.44
CA ASP E 60 -30.04 -12.20 -19.18
C ASP E 60 -29.35 -13.15 -18.18
N LEU E 61 -28.40 -13.95 -18.66
CA LEU E 61 -27.68 -14.93 -17.85
C LEU E 61 -26.59 -14.30 -16.98
N ALA E 62 -26.02 -13.18 -17.46
CA ALA E 62 -24.95 -12.43 -16.79
C ALA E 62 -25.18 -12.29 -15.28
N PRO E 63 -26.32 -11.71 -14.78
CA PRO E 63 -26.56 -11.58 -13.34
C PRO E 63 -26.58 -12.87 -12.52
N LYS E 64 -27.06 -13.96 -13.13
CA LYS E 64 -27.10 -15.26 -12.46
C LYS E 64 -25.68 -15.83 -12.40
N PHE E 65 -24.94 -15.66 -13.51
CA PHE E 65 -23.56 -16.08 -13.66
C PHE E 65 -22.68 -15.35 -12.63
N GLU E 66 -22.87 -14.02 -12.54
CA GLU E 66 -22.11 -13.17 -11.64
C GLU E 66 -22.52 -13.40 -10.17
N LEU E 67 -23.55 -14.23 -9.95
CA LEU E 67 -23.95 -14.59 -8.60
C LEU E 67 -23.33 -15.91 -8.19
N VAL E 68 -23.29 -16.87 -9.12
CA VAL E 68 -22.72 -18.19 -8.84
C VAL E 68 -21.19 -18.18 -8.91
N VAL E 69 -20.64 -17.57 -9.99
CA VAL E 69 -19.18 -17.43 -10.11
C VAL E 69 -18.79 -15.99 -9.80
N ARG E 70 -18.06 -15.83 -8.69
CA ARG E 70 -17.62 -14.53 -8.19
C ARG E 70 -16.42 -14.02 -8.98
N ILE E 71 -16.56 -12.80 -9.51
CA ILE E 71 -15.52 -12.18 -10.34
C ILE E 71 -14.62 -11.30 -9.47
N ARG E 72 -13.45 -11.83 -9.10
CA ARG E 72 -12.48 -11.14 -8.25
C ARG E 72 -11.23 -10.77 -9.06
N SER E 73 -10.53 -9.72 -8.63
CA SER E 73 -9.21 -9.37 -9.14
C SER E 73 -8.10 -9.92 -8.24
N PRO E 74 -7.10 -10.61 -8.80
CA PRO E 74 -6.05 -11.19 -7.97
C PRO E 74 -4.90 -10.22 -7.68
N ARG E 75 -5.03 -8.94 -8.07
CA ARG E 75 -3.95 -7.99 -7.84
C ARG E 75 -3.99 -7.48 -6.41
N LYS E 76 -3.72 -8.41 -5.49
CA LYS E 76 -3.56 -8.09 -4.08
C LYS E 76 -2.31 -7.23 -3.86
N TRP E 77 -2.39 -6.44 -2.79
N TRP E 77 -2.37 -6.43 -2.80
CA TRP E 77 -1.38 -5.46 -2.45
CA TRP E 77 -1.34 -5.47 -2.49
C TRP E 77 -0.08 -6.14 -2.05
C TRP E 77 -0.05 -6.17 -2.08
N GLY E 78 0.06 -6.59 -0.83
CA GLY E 78 1.38 -7.06 -0.41
C GLY E 78 1.82 -8.40 -0.98
N LEU E 79 1.29 -8.79 -2.15
CA LEU E 79 1.57 -10.12 -2.68
C LEU E 79 2.93 -10.11 -3.35
N MET E 80 3.72 -11.13 -3.02
CA MET E 80 5.04 -11.27 -3.61
C MET E 80 5.13 -12.67 -4.23
N VAL E 81 5.71 -12.72 -5.43
CA VAL E 81 6.01 -13.98 -6.07
C VAL E 81 7.51 -14.13 -6.17
N PRO E 82 8.02 -15.37 -6.10
CA PRO E 82 9.45 -15.62 -6.25
C PRO E 82 9.88 -15.27 -7.66
N ALA E 83 11.15 -14.86 -7.76
CA ALA E 83 11.69 -14.34 -9.00
C ALA E 83 11.61 -15.41 -10.08
N GLU E 84 11.60 -16.68 -9.64
CA GLU E 84 11.55 -17.81 -10.57
C GLU E 84 10.27 -17.77 -11.40
N PHE E 85 9.15 -17.43 -10.74
CA PHE E 85 7.83 -17.36 -11.36
C PHE E 85 7.82 -16.32 -12.46
N LEU E 86 8.61 -15.27 -12.29
CA LEU E 86 8.70 -14.19 -13.26
C LEU E 86 9.32 -14.72 -14.55
N TYR E 87 10.32 -15.58 -14.39
CA TYR E 87 11.01 -16.17 -15.53
C TYR E 87 10.15 -17.23 -16.21
N GLU E 88 9.33 -17.94 -15.41
CA GLU E 88 8.39 -18.93 -15.90
C GLU E 88 7.32 -18.27 -16.77
N PHE E 89 6.97 -17.03 -16.41
CA PHE E 89 6.01 -16.26 -17.17
C PHE E 89 6.52 -15.96 -18.57
N ILE E 90 7.83 -15.69 -18.69
CA ILE E 90 8.43 -15.35 -19.98
C ILE E 90 8.28 -16.54 -20.95
N GLU E 91 8.42 -17.75 -20.42
CA GLU E 91 8.29 -18.97 -21.21
C GLU E 91 6.85 -19.20 -21.64
N GLU E 92 5.90 -18.75 -20.79
CA GLU E 92 4.49 -18.87 -21.10
C GLU E 92 4.12 -17.92 -22.24
N VAL E 93 4.71 -16.72 -22.24
CA VAL E 93 4.48 -15.79 -23.32
C VAL E 93 5.01 -16.38 -24.62
N ARG E 94 6.22 -16.95 -24.59
CA ARG E 94 6.76 -17.60 -25.78
C ARG E 94 5.80 -18.69 -26.31
N TYR E 95 5.29 -19.57 -25.42
CA TYR E 95 4.39 -20.65 -25.79
C TYR E 95 3.16 -20.10 -26.50
N ARG E 96 2.59 -19.02 -25.93
CA ARG E 96 1.31 -18.42 -26.34
C ARG E 96 1.44 -17.72 -27.70
N ILE E 97 2.55 -17.01 -27.88
CA ILE E 97 2.81 -16.26 -29.10
C ILE E 97 3.03 -17.25 -30.25
N ASN E 98 3.85 -18.27 -29.99
CA ASN E 98 4.24 -19.24 -31.02
C ASN E 98 3.06 -20.13 -31.43
N LYS E 99 2.16 -20.41 -30.47
CA LYS E 99 0.96 -21.19 -30.79
C LYS E 99 0.03 -20.35 -31.67
N GLY E 100 -0.09 -19.07 -31.31
CA GLY E 100 -0.94 -18.11 -32.03
C GLY E 100 -0.40 -17.78 -33.42
N LEU E 101 0.92 -17.93 -33.61
CA LEU E 101 1.61 -17.65 -34.87
C LEU E 101 1.45 -18.82 -35.84
N ARG E 102 1.41 -20.05 -35.31
CA ARG E 102 1.27 -21.23 -36.15
C ARG E 102 -0.09 -21.23 -36.86
N ILE E 103 -1.13 -20.87 -36.06
CA ILE E 103 -2.51 -20.86 -36.53
C ILE E 103 -2.75 -19.70 -37.49
N ALA E 104 -1.99 -18.59 -37.27
CA ALA E 104 -2.11 -17.41 -38.10
C ALA E 104 -1.65 -17.71 -39.52
N GLU E 105 -0.62 -18.55 -39.65
CA GLU E 105 0.13 -18.74 -40.89
C GLU E 105 -0.65 -19.55 -41.93
N GLU E 106 -1.66 -18.99 -42.62
CA GLU E 106 -2.49 -19.83 -43.46
C GLU E 106 -2.15 -19.53 -44.91
N GLU E 128 -2.36 -8.08 -40.62
CA GLU E 128 -3.29 -7.90 -39.47
C GLU E 128 -3.65 -9.20 -38.74
N LYS E 129 -3.50 -10.33 -39.44
CA LYS E 129 -3.72 -11.59 -38.74
C LYS E 129 -2.39 -12.13 -38.20
N TYR E 130 -1.33 -11.34 -38.35
CA TYR E 130 -0.05 -11.62 -37.72
C TYR E 130 0.13 -10.68 -36.53
N ARG E 131 -0.40 -9.47 -36.71
CA ARG E 131 -0.37 -8.44 -35.69
C ARG E 131 -1.26 -8.85 -34.53
N GLU E 132 -2.41 -9.48 -34.83
CA GLU E 132 -3.32 -9.80 -33.76
C GLU E 132 -3.26 -11.24 -33.31
N ALA E 133 -2.47 -12.03 -34.02
CA ALA E 133 -2.04 -13.33 -33.52
C ALA E 133 -1.22 -13.22 -32.23
N LEU E 134 -0.42 -12.15 -32.10
CA LEU E 134 0.39 -11.92 -30.92
C LEU E 134 -0.37 -11.09 -29.89
N ARG E 135 -1.08 -10.02 -30.30
CA ARG E 135 -1.77 -9.18 -29.35
C ARG E 135 -2.73 -10.04 -28.52
N ALA E 136 -3.32 -11.08 -29.14
CA ALA E 136 -4.16 -12.03 -28.43
C ALA E 136 -3.32 -12.93 -27.53
N GLY E 137 -2.13 -13.32 -28.01
CA GLY E 137 -1.16 -14.12 -27.26
C GLY E 137 -0.71 -13.42 -25.98
N ILE E 138 -0.70 -12.07 -25.98
CA ILE E 138 -0.34 -11.33 -24.79
C ILE E 138 -1.52 -11.31 -23.82
N ILE E 139 -2.71 -11.05 -24.35
CA ILE E 139 -3.95 -11.02 -23.56
C ILE E 139 -4.15 -12.37 -22.87
N ASP E 140 -3.84 -13.46 -23.58
CA ASP E 140 -3.99 -14.81 -23.06
C ASP E 140 -2.96 -15.10 -21.97
N SER E 141 -1.78 -14.48 -22.08
CA SER E 141 -0.72 -14.65 -21.09
C SER E 141 -1.05 -13.88 -19.81
N LYS E 142 -1.64 -12.69 -19.96
CA LYS E 142 -2.06 -11.89 -18.82
C LYS E 142 -3.19 -12.63 -18.10
N GLU E 143 -4.07 -13.29 -18.85
CA GLU E 143 -5.16 -14.06 -18.28
C GLU E 143 -4.58 -15.21 -17.49
N ASP E 144 -3.57 -15.90 -18.03
CA ASP E 144 -2.95 -17.04 -17.39
C ASP E 144 -2.43 -16.64 -16.01
N VAL E 145 -1.75 -15.49 -15.95
CA VAL E 145 -1.19 -15.02 -14.69
C VAL E 145 -2.31 -14.75 -13.68
N ASP E 146 -3.35 -14.02 -14.13
CA ASP E 146 -4.50 -13.71 -13.30
C ASP E 146 -5.15 -14.99 -12.77
N VAL E 147 -5.24 -16.02 -13.61
CA VAL E 147 -5.82 -17.30 -13.23
C VAL E 147 -4.96 -17.97 -12.16
N LEU E 148 -3.65 -18.03 -12.38
CA LEU E 148 -2.77 -18.71 -11.43
C LEU E 148 -2.72 -17.97 -10.10
N LEU E 149 -2.58 -16.64 -10.15
CA LEU E 149 -2.47 -15.86 -8.93
C LEU E 149 -3.76 -15.99 -8.11
N LEU E 150 -4.93 -15.95 -8.78
CA LEU E 150 -6.19 -16.09 -8.08
C LEU E 150 -6.30 -17.48 -7.47
N SER E 151 -5.89 -18.51 -8.21
CA SER E 151 -5.90 -19.89 -7.73
C SER E 151 -5.01 -20.03 -6.50
N TYR E 152 -3.85 -19.36 -6.54
CA TYR E 152 -2.87 -19.43 -5.46
C TYR E 152 -3.44 -18.79 -4.21
N GLU E 153 -4.02 -17.59 -4.39
CA GLU E 153 -4.55 -16.79 -3.30
C GLU E 153 -5.69 -17.53 -2.59
N LEU E 154 -6.59 -18.14 -3.36
CA LEU E 154 -7.78 -18.77 -2.77
C LEU E 154 -7.50 -20.22 -2.39
N ASP E 155 -6.34 -20.74 -2.78
CA ASP E 155 -6.03 -22.16 -2.60
C ASP E 155 -7.13 -22.98 -3.28
N ALA E 156 -7.42 -22.63 -4.54
CA ALA E 156 -8.54 -23.17 -5.31
C ALA E 156 -8.03 -24.16 -6.34
N ILE E 157 -8.97 -24.97 -6.85
CA ILE E 157 -8.71 -25.96 -7.89
C ILE E 157 -8.91 -25.24 -9.23
N LEU E 158 -7.88 -25.28 -10.08
CA LEU E 158 -7.94 -24.61 -11.37
C LEU E 158 -8.63 -25.53 -12.40
N VAL E 159 -9.73 -25.03 -12.97
CA VAL E 159 -10.43 -25.75 -14.02
C VAL E 159 -10.13 -25.04 -15.35
N SER E 160 -9.45 -25.73 -16.27
CA SER E 160 -9.08 -25.10 -17.53
C SER E 160 -8.93 -26.15 -18.63
N GLY E 161 -9.32 -25.84 -19.85
CA GLY E 161 -9.16 -26.79 -20.94
C GLY E 161 -7.83 -26.62 -21.67
N ASP E 162 -7.18 -25.47 -21.46
CA ASP E 162 -5.92 -25.15 -22.10
C ASP E 162 -4.81 -26.01 -21.52
N GLU E 163 -4.12 -26.78 -22.38
CA GLU E 163 -3.06 -27.69 -22.03
C GLU E 163 -1.89 -26.94 -21.40
N GLY E 164 -1.49 -25.86 -22.05
CA GLY E 164 -0.29 -25.15 -21.69
C GLY E 164 -0.37 -24.51 -20.32
N LEU E 165 -1.57 -23.98 -20.01
CA LEU E 165 -1.84 -23.33 -18.73
C LEU E 165 -1.81 -24.37 -17.60
N ARG E 166 -2.48 -25.52 -17.77
CA ARG E 166 -2.51 -26.49 -16.68
C ARG E 166 -1.15 -27.16 -16.49
N LYS E 167 -0.32 -27.20 -17.53
CA LYS E 167 1.03 -27.74 -17.37
C LYS E 167 1.90 -26.77 -16.59
N TRP E 168 1.65 -25.47 -16.74
CA TRP E 168 2.27 -24.45 -15.89
C TRP E 168 1.75 -24.52 -14.46
N ALA E 169 0.42 -24.61 -14.32
CA ALA E 169 -0.21 -24.71 -13.02
C ALA E 169 0.38 -25.87 -12.22
N ASP E 170 0.84 -26.89 -12.94
CA ASP E 170 1.41 -28.06 -12.31
C ASP E 170 2.81 -27.78 -11.77
N ARG E 171 3.63 -27.08 -12.55
CA ARG E 171 4.98 -26.67 -12.16
C ARG E 171 4.98 -25.82 -10.89
N VAL E 172 3.91 -25.04 -10.68
CA VAL E 172 3.81 -24.11 -9.56
C VAL E 172 2.93 -24.63 -8.44
N GLY E 173 2.48 -25.89 -8.53
CA GLY E 173 1.85 -26.57 -7.40
C GLY E 173 0.39 -26.17 -7.15
N ILE E 174 -0.28 -25.59 -8.16
CA ILE E 174 -1.71 -25.26 -8.08
C ILE E 174 -2.53 -26.53 -8.28
N LYS E 175 -3.60 -26.68 -7.49
CA LYS E 175 -4.45 -27.87 -7.55
C LYS E 175 -5.19 -27.88 -8.89
N LEU E 176 -5.41 -29.08 -9.45
CA LEU E 176 -6.01 -29.24 -10.77
C LEU E 176 -7.09 -30.30 -10.80
N ILE E 177 -7.91 -30.21 -11.85
CA ILE E 177 -8.95 -31.19 -12.15
C ILE E 177 -8.96 -31.45 -13.65
N ASP E 178 -9.51 -32.61 -14.05
CA ASP E 178 -9.82 -32.84 -15.44
C ASP E 178 -11.07 -32.01 -15.75
N PRO E 179 -11.06 -31.05 -16.72
CA PRO E 179 -12.23 -30.21 -16.93
C PRO E 179 -13.42 -31.02 -17.45
N LYS E 180 -13.13 -32.18 -18.04
CA LYS E 180 -14.12 -33.07 -18.61
C LYS E 180 -14.96 -33.72 -17.50
N ASN E 181 -14.49 -33.64 -16.25
CA ASN E 181 -15.17 -34.27 -15.12
C ASN E 181 -15.84 -33.24 -14.21
N LEU E 182 -15.94 -31.98 -14.65
CA LEU E 182 -16.42 -30.90 -13.79
C LEU E 182 -17.86 -31.15 -13.36
N ARG E 183 -18.73 -31.51 -14.33
CA ARG E 183 -20.13 -31.77 -14.06
C ARG E 183 -20.24 -32.89 -13.04
N TYR E 184 -19.46 -33.96 -13.27
CA TYR E 184 -19.49 -35.13 -12.43
C TYR E 184 -19.12 -34.77 -10.99
N ILE E 185 -18.10 -33.92 -10.82
CA ILE E 185 -17.63 -33.52 -9.50
C ILE E 185 -18.67 -32.65 -8.80
N MET E 186 -19.27 -31.72 -9.57
CA MET E 186 -20.30 -30.84 -9.06
C MET E 186 -21.49 -31.65 -8.56
N GLU E 187 -21.82 -32.73 -9.28
CA GLU E 187 -22.94 -33.59 -8.94
C GLU E 187 -22.68 -34.37 -7.64
N ASN E 188 -21.42 -34.70 -7.33
CA ASN E 188 -21.05 -35.49 -6.16
C ASN E 188 -20.83 -34.61 -4.94
N LEU E 189 -21.37 -33.38 -4.98
CA LEU E 189 -21.32 -32.41 -3.89
C LEU E 189 -22.72 -31.78 -3.74
N THR E 190 -23.73 -32.61 -3.42
CA THR E 190 -25.16 -32.35 -3.52
C THR E 190 -25.45 -31.55 -4.77
N MET F 1 31.92 2.88 -3.07
CA MET F 1 32.24 3.12 -4.52
C MET F 1 31.08 2.70 -5.42
N ASP F 2 30.81 3.56 -6.41
CA ASP F 2 29.67 3.49 -7.32
C ASP F 2 29.74 2.25 -8.19
N THR F 3 28.72 1.39 -8.11
CA THR F 3 28.61 0.26 -9.03
C THR F 3 27.61 0.54 -10.17
N PHE F 4 27.85 -0.07 -11.33
CA PHE F 4 27.07 0.17 -12.54
C PHE F 4 26.71 -1.16 -13.21
N VAL F 5 25.50 -1.22 -13.78
CA VAL F 5 25.07 -2.37 -14.57
C VAL F 5 24.83 -1.89 -15.99
N LEU F 6 25.56 -2.46 -16.96
CA LEU F 6 25.50 -2.01 -18.34
C LEU F 6 24.52 -2.86 -19.16
N ASP F 7 23.78 -2.19 -20.07
CA ASP F 7 22.89 -2.80 -21.05
C ASP F 7 23.70 -3.13 -22.30
N THR F 8 23.13 -3.87 -23.26
CA THR F 8 23.76 -4.06 -24.56
C THR F 8 23.92 -2.71 -25.28
N SER F 9 22.89 -1.85 -25.19
CA SER F 9 22.76 -0.56 -25.87
C SER F 9 23.95 0.35 -25.59
N VAL F 10 24.69 0.09 -24.50
CA VAL F 10 25.79 0.97 -24.15
C VAL F 10 26.89 0.91 -25.22
N PHE F 11 27.10 -0.28 -25.81
CA PHE F 11 28.16 -0.48 -26.79
C PHE F 11 27.65 -0.82 -28.20
N THR F 12 26.32 -0.80 -28.41
CA THR F 12 25.77 -1.13 -29.71
C THR F 12 25.02 0.07 -30.31
N ASN F 13 24.58 1.00 -29.46
CA ASN F 13 23.92 2.19 -29.97
C ASN F 13 25.00 3.26 -30.18
N PRO F 14 25.19 3.79 -31.41
CA PRO F 14 26.27 4.73 -31.70
C PRO F 14 26.18 6.02 -30.88
N ASP F 15 24.95 6.47 -30.58
CA ASP F 15 24.71 7.71 -29.84
C ASP F 15 25.40 7.67 -28.47
N VAL F 16 25.62 6.47 -27.94
CA VAL F 16 26.13 6.32 -26.58
C VAL F 16 27.65 6.08 -26.63
N TYR F 17 28.08 5.16 -27.51
CA TYR F 17 29.48 4.75 -27.51
C TYR F 17 30.40 5.75 -28.20
N HIS F 18 29.83 6.71 -28.97
CA HIS F 18 30.62 7.72 -29.67
C HIS F 18 31.44 8.56 -28.68
N GLN F 19 31.07 8.54 -27.39
CA GLN F 19 31.78 9.35 -26.41
C GLN F 19 33.17 8.80 -26.16
N PHE F 20 33.36 7.50 -26.45
CA PHE F 20 34.65 6.83 -26.28
C PHE F 20 35.46 6.90 -27.59
N GLU F 21 34.79 6.58 -28.70
CA GLU F 21 35.35 6.71 -30.03
C GLU F 21 34.27 6.55 -31.11
N GLU F 22 34.61 6.98 -32.34
CA GLU F 22 33.70 6.89 -33.47
C GLU F 22 33.54 5.45 -33.95
N ASP F 23 34.64 4.73 -33.80
CA ASP F 23 34.78 3.33 -34.15
C ASP F 23 34.14 2.51 -33.04
N GLN F 24 33.51 1.37 -33.39
CA GLN F 24 32.78 0.61 -32.38
C GLN F 24 33.77 -0.17 -31.50
N LEU F 25 34.70 -0.88 -32.15
CA LEU F 25 35.68 -1.71 -31.46
C LEU F 25 36.63 -0.84 -30.63
N GLY F 26 36.82 0.40 -31.06
CA GLY F 26 37.72 1.36 -30.48
C GLY F 26 37.09 1.98 -29.25
N ALA F 27 35.77 2.16 -29.30
CA ALA F 27 35.01 2.64 -28.16
C ALA F 27 35.06 1.62 -27.02
N ILE F 28 34.85 0.34 -27.36
CA ILE F 28 34.86 -0.73 -26.37
C ILE F 28 36.24 -0.81 -25.73
N GLU F 29 37.27 -0.72 -26.56
CA GLU F 29 38.67 -0.82 -26.19
C GLU F 29 39.05 0.31 -25.26
N ASN F 30 38.51 1.52 -25.53
CA ASN F 30 38.79 2.76 -24.82
C ASN F 30 38.12 2.68 -23.46
N PHE F 31 36.88 2.16 -23.47
CA PHE F 31 36.09 1.97 -22.26
C PHE F 31 36.82 1.05 -21.29
N ILE F 32 37.34 -0.07 -21.82
CA ILE F 32 38.00 -1.07 -20.99
C ILE F 32 39.24 -0.46 -20.33
N SER F 33 39.99 0.37 -21.07
CA SER F 33 41.21 1.00 -20.58
C SER F 33 40.91 1.92 -19.40
N LEU F 34 39.83 2.70 -19.60
CA LEU F 34 39.39 3.70 -18.64
C LEU F 34 38.84 3.01 -17.39
N ALA F 35 38.10 1.91 -17.61
CA ALA F 35 37.50 1.14 -16.53
C ALA F 35 38.56 0.66 -15.54
N SER F 36 39.77 0.36 -16.03
CA SER F 36 40.83 -0.17 -15.19
C SER F 36 41.28 0.90 -14.20
N HIS F 37 41.28 2.15 -14.67
CA HIS F 37 41.81 3.30 -13.94
C HIS F 37 40.71 4.10 -13.25
N THR F 38 39.49 3.54 -13.16
CA THR F 38 38.43 4.22 -12.43
C THR F 38 37.95 3.40 -11.24
N ASN F 39 37.62 4.14 -10.17
CA ASN F 39 37.23 3.60 -8.89
C ASN F 39 35.73 3.35 -8.93
N ALA F 40 35.37 2.28 -9.64
CA ALA F 40 33.99 1.86 -9.84
C ALA F 40 33.95 0.40 -10.27
N ASN F 41 32.95 -0.33 -9.74
CA ASN F 41 32.66 -1.69 -10.17
C ASN F 41 31.68 -1.69 -11.35
N PHE F 42 31.95 -2.54 -12.35
CA PHE F 42 31.04 -2.69 -13.47
C PHE F 42 30.54 -4.14 -13.52
N PHE F 43 29.27 -4.28 -13.94
CA PHE F 43 28.57 -5.54 -14.02
C PHE F 43 27.67 -5.57 -15.25
N MET F 44 27.39 -6.78 -15.72
CA MET F 44 26.50 -6.99 -16.86
C MET F 44 25.87 -8.38 -16.69
N PRO F 45 24.54 -8.55 -16.85
CA PRO F 45 23.93 -9.87 -16.71
C PRO F 45 24.47 -10.87 -17.72
N THR F 46 24.45 -12.16 -17.36
CA THR F 46 24.90 -13.25 -18.22
C THR F 46 24.22 -13.17 -19.59
N SER F 47 22.90 -12.98 -19.54
CA SER F 47 22.07 -13.04 -20.73
C SER F 47 22.40 -11.85 -21.64
N VAL F 48 22.67 -10.69 -21.04
CA VAL F 48 23.01 -9.47 -21.77
C VAL F 48 24.39 -9.62 -22.43
N TYR F 49 25.35 -10.21 -21.69
CA TYR F 49 26.69 -10.38 -22.23
C TYR F 49 26.68 -11.34 -23.42
N TYR F 50 25.88 -12.40 -23.31
CA TYR F 50 25.79 -13.37 -24.39
C TYR F 50 25.35 -12.69 -25.68
N GLU F 51 24.28 -11.88 -25.62
CA GLU F 51 23.72 -11.21 -26.80
C GLU F 51 24.70 -10.17 -27.35
N PHE F 52 25.45 -9.53 -26.46
CA PHE F 52 26.47 -8.56 -26.83
C PHE F 52 27.55 -9.22 -27.67
N THR F 53 27.99 -10.44 -27.28
CA THR F 53 29.01 -11.17 -28.02
C THR F 53 28.49 -11.68 -29.36
N LYS F 54 27.19 -12.00 -29.46
CA LYS F 54 26.62 -12.42 -30.72
C LYS F 54 26.59 -11.27 -31.73
N MET F 55 26.48 -10.02 -31.24
CA MET F 55 26.42 -8.84 -32.11
C MET F 55 27.83 -8.34 -32.45
N VAL F 56 28.73 -8.26 -31.46
CA VAL F 56 30.06 -7.72 -31.65
C VAL F 56 31.11 -8.82 -31.44
N SER F 57 32.09 -8.92 -32.35
CA SER F 57 33.18 -9.87 -32.19
C SER F 57 34.30 -9.17 -31.42
N LEU F 58 34.57 -9.61 -30.18
CA LEU F 58 35.55 -8.96 -29.31
C LEU F 58 36.95 -9.51 -29.57
N GLY F 59 37.03 -10.81 -29.88
CA GLY F 59 38.32 -11.46 -30.05
C GLY F 59 39.21 -11.37 -28.81
N ASP F 60 40.31 -10.65 -28.89
CA ASP F 60 41.30 -10.63 -27.83
C ASP F 60 40.89 -9.67 -26.70
N LEU F 61 39.83 -8.87 -26.93
CA LEU F 61 39.31 -7.92 -25.94
C LEU F 61 38.49 -8.61 -24.84
N ALA F 62 37.84 -9.73 -25.19
CA ALA F 62 36.96 -10.49 -24.30
C ALA F 62 37.54 -10.69 -22.88
N PRO F 63 38.76 -11.23 -22.67
CA PRO F 63 39.28 -11.42 -21.31
C PRO F 63 39.53 -10.15 -20.49
N LYS F 64 39.85 -9.04 -21.17
CA LYS F 64 40.05 -7.76 -20.50
C LYS F 64 38.69 -7.21 -20.10
N PHE F 65 37.70 -7.36 -21.01
CA PHE F 65 36.32 -6.96 -20.80
C PHE F 65 35.73 -7.74 -19.62
N GLU F 66 35.95 -9.06 -19.61
CA GLU F 66 35.42 -9.92 -18.57
C GLU F 66 36.12 -9.67 -17.23
N LEU F 67 37.23 -8.95 -17.24
CA LEU F 67 37.94 -8.62 -16.02
C LEU F 67 37.39 -7.32 -15.42
N VAL F 68 37.11 -6.32 -16.27
CA VAL F 68 36.61 -5.03 -15.84
C VAL F 68 35.10 -5.06 -15.58
N VAL F 69 34.34 -5.76 -16.44
CA VAL F 69 32.89 -5.89 -16.34
C VAL F 69 32.57 -7.31 -15.84
N ARG F 70 32.12 -7.43 -14.59
CA ARG F 70 31.81 -8.75 -14.03
C ARG F 70 30.45 -9.23 -14.54
N ILE F 71 30.45 -10.44 -15.10
CA ILE F 71 29.25 -11.01 -15.67
C ILE F 71 28.60 -11.94 -14.64
N ARG F 72 27.51 -11.49 -13.97
CA ARG F 72 26.77 -12.29 -12.99
C ARG F 72 25.35 -12.59 -13.50
N SER F 73 24.69 -13.66 -12.98
CA SER F 73 23.28 -13.91 -13.24
C SER F 73 22.44 -13.42 -12.07
N PRO F 74 21.31 -12.78 -12.39
CA PRO F 74 20.48 -12.16 -11.36
C PRO F 74 19.56 -13.19 -10.69
N ARG F 75 19.60 -14.47 -11.11
CA ARG F 75 18.64 -15.45 -10.64
CA ARG F 75 18.64 -15.45 -10.64
C ARG F 75 18.98 -15.99 -9.25
N LYS F 76 19.09 -15.08 -8.30
CA LYS F 76 19.35 -15.52 -6.95
C LYS F 76 18.12 -16.27 -6.46
N TRP F 77 18.40 -17.27 -5.63
N TRP F 77 18.40 -17.33 -5.68
CA TRP F 77 17.43 -18.13 -5.00
CA TRP F 77 17.46 -18.22 -4.98
C TRP F 77 16.67 -17.43 -3.91
C TRP F 77 16.71 -17.48 -3.89
N GLY F 78 15.35 -17.50 -3.86
CA GLY F 78 14.62 -16.93 -2.74
C GLY F 78 14.28 -15.44 -2.91
N LEU F 79 14.78 -14.85 -4.00
CA LEU F 79 14.47 -13.47 -4.32
C LEU F 79 12.98 -13.46 -4.65
N MET F 80 12.31 -12.46 -4.09
CA MET F 80 10.90 -12.28 -4.31
C MET F 80 10.68 -10.87 -4.82
N VAL F 81 9.88 -10.79 -5.87
CA VAL F 81 9.42 -9.52 -6.37
C VAL F 81 7.92 -9.42 -6.07
N PRO F 82 7.43 -8.20 -5.82
CA PRO F 82 5.99 -7.98 -5.66
C PRO F 82 5.24 -8.32 -6.96
N ALA F 83 4.00 -8.79 -6.77
CA ALA F 83 3.14 -9.23 -7.86
C ALA F 83 3.00 -8.11 -8.87
N GLU F 84 3.12 -6.88 -8.40
CA GLU F 84 2.91 -5.70 -9.22
C GLU F 84 3.94 -5.67 -10.35
N PHE F 85 5.20 -5.93 -9.98
CA PHE F 85 6.35 -6.00 -10.88
C PHE F 85 6.09 -6.98 -12.03
N LEU F 86 5.38 -8.06 -11.73
CA LEU F 86 5.09 -9.11 -12.68
C LEU F 86 4.18 -8.58 -13.78
N TYR F 87 3.21 -7.77 -13.37
CA TYR F 87 2.24 -7.16 -14.28
C TYR F 87 2.91 -6.08 -15.13
N GLU F 88 3.88 -5.37 -14.53
CA GLU F 88 4.62 -4.32 -15.22
C GLU F 88 5.51 -4.96 -16.29
N PHE F 89 5.97 -6.19 -16.06
CA PHE F 89 6.78 -6.90 -17.02
C PHE F 89 5.96 -7.24 -18.26
N ILE F 90 4.69 -7.59 -18.07
CA ILE F 90 3.83 -7.97 -19.19
C ILE F 90 3.73 -6.79 -20.15
N GLU F 91 3.73 -5.59 -19.55
CA GLU F 91 3.51 -4.36 -20.29
C GLU F 91 4.76 -4.00 -21.07
N GLU F 92 5.91 -4.38 -20.48
CA GLU F 92 7.21 -4.18 -21.09
C GLU F 92 7.32 -5.08 -22.32
N VAL F 93 6.82 -6.32 -22.22
CA VAL F 93 6.84 -7.24 -23.36
C VAL F 93 6.02 -6.66 -24.51
N ARG F 94 4.85 -6.11 -24.16
CA ARG F 94 3.97 -5.49 -25.13
C ARG F 94 4.72 -4.38 -25.88
N TYR F 95 5.37 -3.50 -25.11
CA TYR F 95 6.14 -2.35 -25.61
C TYR F 95 7.23 -2.83 -26.57
N ARG F 96 7.96 -3.89 -26.18
CA ARG F 96 9.13 -4.41 -26.87
C ARG F 96 8.76 -4.96 -28.23
N ILE F 97 7.74 -5.82 -28.23
CA ILE F 97 7.35 -6.45 -29.47
C ILE F 97 6.70 -5.44 -30.41
N ASN F 98 5.73 -4.67 -29.94
CA ASN F 98 5.00 -3.74 -30.79
C ASN F 98 5.97 -2.86 -31.58
N LYS F 99 7.04 -2.43 -30.88
CA LYS F 99 8.11 -1.63 -31.46
C LYS F 99 8.74 -2.43 -32.59
N GLY F 100 8.98 -3.71 -32.23
CA GLY F 100 9.77 -4.62 -33.04
C GLY F 100 9.14 -4.80 -34.42
N LEU F 101 7.86 -5.20 -34.47
CA LEU F 101 7.12 -5.35 -35.70
C LEU F 101 6.94 -4.05 -36.48
N ARG F 102 6.92 -2.88 -35.83
CA ARG F 102 6.85 -1.67 -36.65
C ARG F 102 7.96 -1.82 -37.74
N ILE F 103 8.99 -2.39 -37.10
CA ILE F 103 10.24 -2.40 -37.79
C ILE F 103 10.25 -3.48 -38.87
N ALA F 104 9.47 -4.57 -38.72
CA ALA F 104 9.23 -5.58 -39.75
C ALA F 104 9.26 -4.88 -41.09
N GLU F 105 8.52 -3.78 -41.26
CA GLU F 105 8.81 -3.27 -42.57
C GLU F 105 10.14 -2.55 -42.39
N GLU F 128 8.95 -14.11 -42.35
CA GLU F 128 10.13 -14.52 -41.54
C GLU F 128 10.71 -13.33 -40.75
N LYS F 129 10.46 -12.13 -41.24
CA LYS F 129 10.83 -10.92 -40.50
C LYS F 129 9.75 -10.49 -39.51
N TYR F 130 8.69 -11.30 -39.34
CA TYR F 130 7.70 -11.09 -38.27
C TYR F 130 8.04 -12.00 -37.10
N ARG F 131 8.43 -13.20 -37.50
CA ARG F 131 8.83 -14.24 -36.59
C ARG F 131 10.17 -13.88 -35.94
N GLU F 132 11.01 -13.04 -36.54
CA GLU F 132 12.23 -12.54 -35.92
C GLU F 132 11.98 -11.30 -35.09
N ALA F 133 10.99 -10.49 -35.42
CA ALA F 133 10.72 -9.29 -34.63
C ALA F 133 10.06 -9.63 -33.29
N LEU F 134 9.31 -10.77 -33.21
CA LEU F 134 8.75 -11.36 -31.99
C LEU F 134 9.80 -12.01 -31.09
N ARG F 135 10.55 -12.96 -31.68
CA ARG F 135 11.47 -13.78 -30.92
C ARG F 135 12.67 -12.97 -30.46
N ALA F 136 12.89 -11.79 -31.07
CA ALA F 136 13.92 -10.87 -30.59
C ALA F 136 13.30 -9.96 -29.55
N GLY F 137 12.05 -9.54 -29.76
CA GLY F 137 11.33 -8.74 -28.78
C GLY F 137 11.23 -9.42 -27.42
N ILE F 138 11.12 -10.75 -27.37
CA ILE F 138 11.06 -11.42 -26.09
C ILE F 138 12.44 -11.58 -25.49
N ILE F 139 13.46 -11.78 -26.33
CA ILE F 139 14.84 -11.88 -25.86
C ILE F 139 15.24 -10.55 -25.22
N ASP F 140 14.76 -9.44 -25.79
CA ASP F 140 15.04 -8.11 -25.27
C ASP F 140 14.30 -7.87 -23.96
N SER F 141 13.12 -8.47 -23.79
CA SER F 141 12.36 -8.42 -22.55
C SER F 141 13.03 -9.20 -21.43
N LYS F 142 13.59 -10.37 -21.75
CA LYS F 142 14.28 -11.20 -20.77
C LYS F 142 15.57 -10.51 -20.36
N GLU F 143 16.17 -9.74 -21.28
CA GLU F 143 17.35 -8.95 -20.98
C GLU F 143 16.96 -7.86 -19.97
N ASP F 144 15.83 -7.18 -20.23
CA ASP F 144 15.34 -6.08 -19.40
C ASP F 144 15.18 -6.53 -17.96
N VAL F 145 14.52 -7.67 -17.74
CA VAL F 145 14.32 -8.18 -16.40
C VAL F 145 15.67 -8.48 -15.75
N ASP F 146 16.57 -9.19 -16.47
CA ASP F 146 17.88 -9.60 -15.95
C ASP F 146 18.63 -8.33 -15.52
N VAL F 147 18.49 -7.25 -16.31
CA VAL F 147 19.19 -6.00 -16.06
C VAL F 147 18.65 -5.35 -14.78
N LEU F 148 17.31 -5.25 -14.68
CA LEU F 148 16.68 -4.59 -13.54
C LEU F 148 16.96 -5.40 -12.27
N LEU F 149 16.77 -6.73 -12.31
CA LEU F 149 16.98 -7.53 -11.11
C LEU F 149 18.42 -7.41 -10.63
N LEU F 150 19.40 -7.44 -11.54
CA LEU F 150 20.78 -7.34 -11.14
C LEU F 150 21.04 -5.96 -10.52
N SER F 151 20.50 -4.90 -11.14
CA SER F 151 20.64 -3.54 -10.64
C SER F 151 20.05 -3.42 -9.24
N TYR F 152 18.91 -4.10 -9.01
CA TYR F 152 18.22 -4.05 -7.74
C TYR F 152 19.07 -4.70 -6.67
N GLU F 153 19.59 -5.89 -6.99
CA GLU F 153 20.35 -6.73 -6.08
C GLU F 153 21.63 -6.03 -5.62
N LEU F 154 22.32 -5.37 -6.55
CA LEU F 154 23.59 -4.72 -6.24
C LEU F 154 23.39 -3.28 -5.77
N ASP F 155 22.20 -2.71 -5.97
CA ASP F 155 21.97 -1.32 -5.63
C ASP F 155 22.82 -0.44 -6.55
N ALA F 156 22.83 -0.81 -7.84
CA ALA F 156 23.69 -0.25 -8.85
C ALA F 156 22.96 0.77 -9.73
N ILE F 157 23.75 1.59 -10.43
CA ILE F 157 23.27 2.58 -11.38
C ILE F 157 23.13 1.90 -12.75
N LEU F 158 21.92 1.92 -13.30
CA LEU F 158 21.66 1.31 -14.59
C LEU F 158 22.06 2.27 -15.72
N VAL F 159 22.97 1.81 -16.58
CA VAL F 159 23.39 2.57 -17.74
C VAL F 159 22.70 1.93 -18.95
N SER F 160 21.82 2.68 -19.63
CA SER F 160 21.13 2.11 -20.79
C SER F 160 20.73 3.19 -21.78
N GLY F 161 20.90 2.91 -23.08
CA GLY F 161 20.46 3.81 -24.14
C GLY F 161 18.95 3.83 -24.32
N ASP F 162 18.35 2.67 -24.03
CA ASP F 162 16.96 2.39 -24.37
C ASP F 162 16.01 3.20 -23.50
N GLU F 163 15.20 4.10 -24.13
CA GLU F 163 14.17 4.84 -23.42
C GLU F 163 13.27 3.92 -22.60
N GLY F 164 12.77 2.86 -23.23
CA GLY F 164 11.74 2.05 -22.59
C GLY F 164 12.24 1.39 -21.31
N LEU F 165 13.50 0.92 -21.31
CA LEU F 165 14.05 0.28 -20.14
C LEU F 165 14.24 1.30 -19.03
N ARG F 166 14.76 2.49 -19.38
CA ARG F 166 15.00 3.56 -18.42
C ARG F 166 13.69 4.11 -17.84
N LYS F 167 12.57 4.05 -18.58
CA LYS F 167 11.32 4.52 -18.00
C LYS F 167 10.80 3.51 -17.00
N TRP F 168 11.06 2.21 -17.25
CA TRP F 168 10.63 1.16 -16.33
C TRP F 168 11.49 1.20 -15.09
N ALA F 169 12.81 1.34 -15.28
CA ALA F 169 13.75 1.45 -14.19
C ALA F 169 13.34 2.56 -13.25
N ASP F 170 12.72 3.60 -13.80
CA ASP F 170 12.34 4.77 -13.02
C ASP F 170 11.10 4.50 -12.18
N ARG F 171 10.10 3.80 -12.79
CA ARG F 171 8.88 3.38 -12.11
C ARG F 171 9.17 2.48 -10.91
N VAL F 172 10.28 1.72 -10.98
CA VAL F 172 10.64 0.76 -9.95
C VAL F 172 11.73 1.30 -9.01
N GLY F 173 12.19 2.54 -9.23
CA GLY F 173 13.09 3.19 -8.30
C GLY F 173 14.56 2.75 -8.40
N ILE F 174 14.95 2.21 -9.56
CA ILE F 174 16.34 1.87 -9.83
C ILE F 174 17.10 3.16 -10.16
N LYS F 175 18.38 3.23 -9.71
CA LYS F 175 19.23 4.39 -9.96
C LYS F 175 19.59 4.46 -11.44
N LEU F 176 19.60 5.67 -12.00
CA LEU F 176 19.88 5.88 -13.41
C LEU F 176 20.93 6.97 -13.63
N ILE F 177 21.51 6.94 -14.83
CA ILE F 177 22.40 7.99 -15.30
C ILE F 177 22.07 8.25 -16.77
N ASP F 178 22.44 9.44 -17.26
CA ASP F 178 22.37 9.69 -18.69
C ASP F 178 23.51 8.89 -19.32
N PRO F 179 23.27 7.96 -20.27
CA PRO F 179 24.37 7.13 -20.77
C PRO F 179 25.40 7.97 -21.52
N LYS F 180 24.97 9.13 -22.03
CA LYS F 180 25.85 9.99 -22.82
C LYS F 180 26.94 10.61 -21.96
N ASN F 181 26.79 10.57 -20.62
CA ASN F 181 27.76 11.17 -19.73
C ASN F 181 28.59 10.12 -19.00
N LEU F 182 28.60 8.87 -19.50
CA LEU F 182 29.26 7.77 -18.81
C LEU F 182 30.76 8.01 -18.71
N ARG F 183 31.38 8.42 -19.83
CA ARG F 183 32.81 8.65 -19.89
C ARG F 183 33.15 9.73 -18.86
N TYR F 184 32.37 10.83 -18.90
CA TYR F 184 32.59 11.99 -18.05
C TYR F 184 32.55 11.60 -16.58
N ILE F 185 31.60 10.73 -16.21
CA ILE F 185 31.45 10.32 -14.82
C ILE F 185 32.62 9.47 -14.41
N MET F 186 33.04 8.56 -15.30
CA MET F 186 34.13 7.66 -15.00
C MET F 186 35.39 8.49 -14.73
N GLU F 187 35.60 9.53 -15.57
CA GLU F 187 36.76 10.41 -15.50
C GLU F 187 36.85 11.14 -14.17
N ASN F 188 35.68 11.48 -13.58
CA ASN F 188 35.63 12.23 -12.34
C ASN F 188 35.60 11.30 -11.14
N LEU F 189 36.21 10.11 -11.27
CA LEU F 189 36.28 9.12 -10.20
C LEU F 189 37.69 8.54 -10.13
N MET G 1 -9.45 -37.37 10.12
CA MET G 1 -9.59 -38.58 9.27
C MET G 1 -8.25 -38.89 8.61
N ASP G 2 -7.98 -40.19 8.39
CA ASP G 2 -6.77 -40.68 7.76
C ASP G 2 -6.65 -40.25 6.30
N THR G 3 -5.41 -39.92 5.91
CA THR G 3 -5.09 -39.53 4.55
C THR G 3 -4.00 -40.48 4.05
N PHE G 4 -4.11 -40.89 2.77
CA PHE G 4 -3.16 -41.81 2.16
C PHE G 4 -2.64 -41.27 0.83
N VAL G 5 -1.35 -41.48 0.56
CA VAL G 5 -0.75 -41.19 -0.74
C VAL G 5 -0.33 -42.52 -1.36
N LEU G 6 -0.82 -42.78 -2.58
CA LEU G 6 -0.63 -44.06 -3.25
C LEU G 6 0.48 -43.99 -4.28
N ASP G 7 1.26 -45.09 -4.38
CA ASP G 7 2.26 -45.32 -5.40
C ASP G 7 1.61 -45.97 -6.63
N THR G 8 2.37 -46.04 -7.74
CA THR G 8 1.96 -46.81 -8.91
C THR G 8 1.85 -48.29 -8.52
N SER G 9 2.84 -48.80 -7.77
CA SER G 9 2.97 -50.19 -7.39
C SER G 9 1.77 -50.73 -6.61
N VAL G 10 0.95 -49.84 -6.06
CA VAL G 10 -0.19 -50.33 -5.29
C VAL G 10 -1.25 -50.98 -6.20
N PHE G 11 -1.23 -50.62 -7.49
CA PHE G 11 -2.15 -51.21 -8.47
C PHE G 11 -1.43 -51.84 -9.66
N THR G 12 -0.10 -52.00 -9.61
CA THR G 12 0.63 -52.65 -10.69
C THR G 12 1.42 -53.87 -10.21
N ASN G 13 1.77 -53.90 -8.92
CA ASN G 13 2.36 -55.10 -8.33
C ASN G 13 1.23 -56.05 -7.93
N PRO G 14 1.20 -57.31 -8.40
CA PRO G 14 0.09 -58.22 -8.08
C PRO G 14 0.01 -58.58 -6.60
N ASP G 15 1.16 -58.59 -5.90
CA ASP G 15 1.27 -59.00 -4.51
C ASP G 15 0.42 -58.11 -3.60
N VAL G 16 0.01 -56.94 -4.11
CA VAL G 16 -0.74 -55.99 -3.30
C VAL G 16 -2.16 -55.88 -3.80
N TYR G 17 -2.37 -55.83 -5.13
CA TYR G 17 -3.69 -55.59 -5.67
C TYR G 17 -4.59 -56.83 -5.54
N HIS G 18 -3.99 -58.02 -5.33
CA HIS G 18 -4.75 -59.27 -5.24
C HIS G 18 -5.72 -59.29 -4.07
N GLN G 19 -5.54 -58.36 -3.12
CA GLN G 19 -6.39 -58.28 -1.94
C GLN G 19 -7.78 -57.79 -2.31
N PHE G 20 -7.90 -57.08 -3.44
CA PHE G 20 -9.16 -56.57 -3.95
C PHE G 20 -9.79 -57.60 -4.88
N GLU G 21 -8.99 -58.09 -5.85
CA GLU G 21 -9.40 -59.14 -6.77
C GLU G 21 -8.19 -59.63 -7.57
N GLU G 22 -8.31 -60.79 -8.24
CA GLU G 22 -7.21 -61.40 -8.97
C GLU G 22 -6.88 -60.63 -10.25
N ASP G 23 -7.91 -60.09 -10.91
CA ASP G 23 -7.74 -59.32 -12.14
C ASP G 23 -7.40 -57.88 -11.79
N GLN G 24 -6.55 -57.26 -12.61
CA GLN G 24 -6.03 -55.92 -12.34
C GLN G 24 -7.14 -54.89 -12.36
N LEU G 25 -7.88 -54.82 -13.48
CA LEU G 25 -8.93 -53.83 -13.63
C LEU G 25 -10.10 -54.04 -12.69
N GLY G 26 -10.24 -55.29 -12.20
CA GLY G 26 -11.30 -55.66 -11.28
C GLY G 26 -10.93 -55.17 -9.89
N ALA G 27 -9.63 -55.24 -9.58
CA ALA G 27 -9.09 -54.82 -8.30
C ALA G 27 -9.23 -53.30 -8.16
N ILE G 28 -8.91 -52.60 -9.26
CA ILE G 28 -8.99 -51.16 -9.30
C ILE G 28 -10.44 -50.73 -9.07
N GLU G 29 -11.36 -51.43 -9.73
CA GLU G 29 -12.77 -51.10 -9.63
C GLU G 29 -13.31 -51.35 -8.22
N ASN G 30 -12.88 -52.44 -7.56
CA ASN G 30 -13.27 -52.74 -6.20
C ASN G 30 -12.72 -51.69 -5.25
N PHE G 31 -11.46 -51.30 -5.48
CA PHE G 31 -10.86 -50.28 -4.64
C PHE G 31 -11.68 -48.99 -4.71
N ILE G 32 -12.03 -48.57 -5.93
CA ILE G 32 -12.77 -47.34 -6.16
C ILE G 32 -14.10 -47.37 -5.41
N SER G 33 -14.78 -48.53 -5.51
CA SER G 33 -16.07 -48.77 -4.89
C SER G 33 -15.97 -48.62 -3.38
N LEU G 34 -14.93 -49.23 -2.81
CA LEU G 34 -14.72 -49.26 -1.36
C LEU G 34 -14.33 -47.87 -0.89
N ALA G 35 -13.50 -47.16 -1.66
CA ALA G 35 -13.01 -45.83 -1.30
C ALA G 35 -14.17 -44.84 -1.17
N SER G 36 -15.29 -45.10 -1.86
CA SER G 36 -16.44 -44.20 -1.82
C SER G 36 -17.10 -44.27 -0.44
N HIS G 37 -17.11 -45.45 0.17
CA HIS G 37 -17.79 -45.72 1.44
C HIS G 37 -16.79 -45.69 2.61
N THR G 38 -15.56 -45.22 2.35
CA THR G 38 -14.51 -45.19 3.38
C THR G 38 -14.37 -43.77 3.92
N ASN G 39 -14.12 -43.67 5.23
CA ASN G 39 -13.91 -42.38 5.89
C ASN G 39 -12.43 -42.02 5.85
N ALA G 40 -11.92 -41.79 4.62
CA ALA G 40 -10.50 -41.54 4.39
C ALA G 40 -10.30 -40.80 3.06
N ASN G 41 -9.28 -39.92 3.04
CA ASN G 41 -8.90 -39.17 1.85
C ASN G 41 -7.76 -39.89 1.13
N PHE G 42 -7.86 -39.97 -0.21
CA PHE G 42 -6.84 -40.61 -1.02
C PHE G 42 -6.26 -39.59 -1.98
N PHE G 43 -4.94 -39.72 -2.21
CA PHE G 43 -4.16 -38.82 -3.05
C PHE G 43 -3.10 -39.60 -3.82
N MET G 44 -2.70 -39.04 -4.97
CA MET G 44 -1.63 -39.61 -5.77
C MET G 44 -0.98 -38.47 -6.54
N PRO G 45 0.37 -38.35 -6.58
CA PRO G 45 1.02 -37.27 -7.33
C PRO G 45 0.65 -37.29 -8.81
N THR G 46 0.64 -36.12 -9.45
CA THR G 46 0.35 -35.99 -10.87
C THR G 46 1.28 -36.88 -11.69
N SER G 47 2.58 -36.89 -11.36
CA SER G 47 3.57 -37.63 -12.14
C SER G 47 3.31 -39.13 -12.01
N VAL G 48 2.92 -39.57 -10.81
CA VAL G 48 2.65 -40.98 -10.53
C VAL G 48 1.38 -41.44 -11.27
N TYR G 49 0.35 -40.60 -11.28
CA TYR G 49 -0.90 -40.92 -11.95
C TYR G 49 -0.68 -41.02 -13.46
N TYR G 50 0.20 -40.16 -14.00
CA TYR G 50 0.50 -40.18 -15.42
C TYR G 50 1.09 -41.51 -15.84
N GLU G 51 2.09 -42.00 -15.11
CA GLU G 51 2.73 -43.27 -15.43
C GLU G 51 1.79 -44.45 -15.19
N PHE G 52 0.91 -44.34 -14.17
CA PHE G 52 -0.10 -45.34 -13.90
C PHE G 52 -1.02 -45.50 -15.10
N THR G 53 -1.43 -44.37 -15.72
CA THR G 53 -2.32 -44.39 -16.87
C THR G 53 -1.60 -44.92 -18.11
N LYS G 54 -0.28 -44.71 -18.21
CA LYS G 54 0.46 -45.24 -19.35
C LYS G 54 0.64 -46.76 -19.26
N MET G 55 0.46 -47.34 -18.06
CA MET G 55 0.59 -48.78 -17.86
C MET G 55 -0.78 -49.47 -17.92
N VAL G 56 -1.80 -48.86 -17.32
CA VAL G 56 -3.14 -49.44 -17.32
C VAL G 56 -4.04 -48.56 -18.18
N SER G 57 -4.90 -49.15 -19.02
CA SER G 57 -5.79 -48.33 -19.83
C SER G 57 -6.94 -47.75 -19.01
N LEU G 58 -7.69 -48.49 -18.20
CA LEU G 58 -8.61 -47.81 -17.26
C LEU G 58 -9.90 -47.35 -17.92
N GLY G 59 -9.78 -46.37 -18.81
CA GLY G 59 -10.88 -45.89 -19.63
C GLY G 59 -12.00 -45.32 -18.76
N ASP G 60 -13.12 -46.05 -18.78
CA ASP G 60 -14.39 -45.79 -18.11
C ASP G 60 -14.22 -45.45 -16.62
N LEU G 61 -13.17 -46.00 -15.98
CA LEU G 61 -12.97 -45.93 -14.54
C LEU G 61 -12.33 -44.61 -14.16
N ALA G 62 -11.58 -44.02 -15.11
CA ALA G 62 -10.78 -42.82 -14.88
C ALA G 62 -11.54 -41.75 -14.09
N PRO G 63 -12.74 -41.26 -14.49
CA PRO G 63 -13.47 -40.23 -13.73
C PRO G 63 -13.88 -40.59 -12.30
N LYS G 64 -14.14 -41.88 -12.05
CA LYS G 64 -14.49 -42.36 -10.72
C LYS G 64 -13.24 -42.39 -9.86
N PHE G 65 -12.14 -42.87 -10.45
CA PHE G 65 -10.85 -42.95 -9.81
C PHE G 65 -10.37 -41.54 -9.46
N GLU G 66 -10.50 -40.59 -10.40
CA GLU G 66 -10.05 -39.21 -10.19
C GLU G 66 -10.92 -38.50 -9.15
N LEU G 67 -12.08 -39.06 -8.83
CA LEU G 67 -12.95 -38.46 -7.82
C LEU G 67 -12.56 -38.95 -6.42
N VAL G 68 -12.23 -40.23 -6.31
CA VAL G 68 -11.88 -40.82 -5.02
C VAL G 68 -10.40 -40.58 -4.66
N VAL G 69 -9.51 -40.66 -5.66
CA VAL G 69 -8.08 -40.39 -5.51
C VAL G 69 -7.79 -39.03 -6.12
N ARG G 70 -7.50 -38.05 -5.26
CA ARG G 70 -7.23 -36.69 -5.70
C ARG G 70 -5.79 -36.60 -6.22
N ILE G 71 -5.66 -36.11 -7.46
CA ILE G 71 -4.37 -36.02 -8.11
C ILE G 71 -3.81 -34.59 -7.92
N ARG G 72 -2.87 -34.43 -6.98
CA ARG G 72 -2.23 -33.15 -6.69
C ARG G 72 -0.75 -33.17 -7.11
N SER G 73 -0.18 -31.99 -7.39
CA SER G 73 1.26 -31.83 -7.58
C SER G 73 1.93 -31.38 -6.29
N PRO G 74 3.03 -32.02 -5.83
CA PRO G 74 3.66 -31.61 -4.59
C PRO G 74 4.64 -30.44 -4.74
N ARG G 75 4.73 -29.83 -5.93
CA ARG G 75 5.70 -28.77 -6.19
C ARG G 75 5.19 -27.46 -5.62
N LYS G 76 4.93 -27.44 -4.30
CA LYS G 76 4.59 -26.26 -3.53
C LYS G 76 5.71 -25.22 -3.61
N TRP G 77 5.29 -23.97 -3.49
N TRP G 77 5.30 -23.98 -3.43
CA TRP G 77 6.12 -22.83 -3.86
CA TRP G 77 6.06 -22.84 -3.89
C TRP G 77 7.22 -22.49 -2.88
C TRP G 77 7.18 -22.43 -2.92
N GLY G 78 6.98 -22.58 -1.60
CA GLY G 78 8.00 -22.09 -0.69
C GLY G 78 8.60 -23.22 0.12
N LEU G 79 8.49 -24.43 -0.46
CA LEU G 79 8.92 -25.63 0.22
C LEU G 79 10.43 -25.65 0.20
N MET G 80 10.97 -25.99 1.37
CA MET G 80 12.39 -26.16 1.56
C MET G 80 12.57 -27.58 2.08
N VAL G 81 13.54 -28.30 1.51
CA VAL G 81 13.99 -29.56 2.08
C VAL G 81 15.43 -29.39 2.55
N PRO G 82 15.85 -30.18 3.56
CA PRO G 82 17.21 -30.06 4.08
C PRO G 82 18.17 -30.58 3.01
N ALA G 83 19.39 -30.03 3.03
CA ALA G 83 20.43 -30.40 2.08
C ALA G 83 20.66 -31.91 2.14
N GLU G 84 20.45 -32.48 3.34
CA GLU G 84 20.67 -33.91 3.58
C GLU G 84 19.81 -34.76 2.66
N PHE G 85 18.54 -34.34 2.52
CA PHE G 85 17.53 -35.03 1.73
C PHE G 85 17.98 -35.07 0.28
N LEU G 86 18.69 -34.03 -0.14
CA LEU G 86 19.19 -33.91 -1.50
C LEU G 86 20.18 -35.03 -1.80
N TYR G 87 21.06 -35.30 -0.81
CA TYR G 87 22.07 -36.34 -0.91
C TYR G 87 21.41 -37.72 -0.93
N GLU G 88 20.38 -37.88 -0.08
CA GLU G 88 19.62 -39.12 0.05
C GLU G 88 18.95 -39.46 -1.28
N PHE G 89 18.59 -38.42 -2.04
CA PHE G 89 17.95 -38.64 -3.32
C PHE G 89 18.95 -39.22 -4.32
N ILE G 90 20.23 -38.83 -4.22
CA ILE G 90 21.26 -39.37 -5.13
C ILE G 90 21.41 -40.89 -4.93
N GLU G 91 21.29 -41.33 -3.67
CA GLU G 91 21.36 -42.75 -3.33
C GLU G 91 20.15 -43.48 -3.88
N GLU G 92 18.99 -42.80 -3.91
CA GLU G 92 17.76 -43.40 -4.40
C GLU G 92 17.84 -43.58 -5.91
N VAL G 93 18.50 -42.64 -6.59
CA VAL G 93 18.70 -42.77 -8.03
C VAL G 93 19.57 -44.00 -8.30
N ARG G 94 20.66 -44.14 -7.51
CA ARG G 94 21.56 -45.28 -7.66
C ARG G 94 20.80 -46.58 -7.53
N TYR G 95 20.03 -46.70 -6.43
CA TYR G 95 19.28 -47.90 -6.14
C TYR G 95 18.36 -48.19 -7.32
N ARG G 96 17.72 -47.13 -7.82
CA ARG G 96 16.66 -47.30 -8.80
C ARG G 96 17.23 -47.79 -10.14
N ILE G 97 18.35 -47.21 -10.56
CA ILE G 97 18.92 -47.63 -11.83
C ILE G 97 19.60 -49.00 -11.73
N ASN G 98 20.54 -49.19 -10.79
CA ASN G 98 21.23 -50.47 -10.64
C ASN G 98 20.26 -51.67 -10.57
N LYS G 99 19.06 -51.41 -10.04
CA LYS G 99 18.02 -52.42 -10.05
C LYS G 99 17.58 -52.69 -11.49
N GLY G 100 17.08 -51.62 -12.12
CA GLY G 100 16.77 -51.58 -13.54
C GLY G 100 17.81 -52.31 -14.40
N LEU G 101 19.08 -52.14 -14.04
CA LEU G 101 20.21 -52.68 -14.77
C LEU G 101 20.30 -54.20 -14.61
N ARG G 102 19.83 -54.77 -13.50
CA ARG G 102 19.80 -56.22 -13.33
C ARG G 102 18.86 -57.01 -14.29
N ILE G 103 17.79 -56.28 -14.62
CA ILE G 103 16.79 -56.86 -15.51
C ILE G 103 17.28 -56.89 -16.99
N ALA G 104 17.88 -55.75 -17.29
CA ALA G 104 18.44 -55.54 -18.60
C ALA G 104 19.48 -56.63 -18.88
N GLU G 105 20.37 -56.94 -17.90
CA GLU G 105 21.41 -57.91 -18.10
C GLU G 105 20.84 -59.22 -18.58
N GLU G 106 19.62 -59.51 -18.23
CA GLU G 106 19.07 -60.72 -18.78
C GLU G 106 19.02 -60.57 -20.28
N ASN G 124 21.53 -51.67 -30.85
CA ASN G 124 21.13 -53.11 -30.86
C ASN G 124 19.96 -53.24 -29.93
N ARG G 125 19.63 -54.43 -29.39
CA ARG G 125 18.60 -54.37 -28.34
C ARG G 125 19.29 -54.32 -27.00
N LEU G 126 20.55 -54.80 -26.97
CA LEU G 126 21.12 -54.76 -25.62
C LEU G 126 21.23 -53.30 -25.13
N ARG G 127 21.87 -52.46 -25.95
CA ARG G 127 21.82 -51.01 -25.73
C ARG G 127 20.38 -50.55 -25.54
N GLU G 128 19.51 -50.82 -26.50
CA GLU G 128 18.15 -50.33 -26.40
C GLU G 128 17.48 -50.80 -25.11
N LYS G 129 17.94 -51.90 -24.52
CA LYS G 129 17.44 -52.33 -23.21
C LYS G 129 18.11 -51.57 -22.07
N TYR G 130 19.43 -51.32 -22.18
CA TYR G 130 20.20 -50.58 -21.19
C TYR G 130 19.84 -49.09 -21.12
N ARG G 131 19.49 -48.49 -22.27
CA ARG G 131 19.07 -47.11 -22.28
C ARG G 131 17.70 -46.97 -21.64
N GLU G 132 16.87 -47.96 -21.94
CA GLU G 132 15.48 -47.99 -21.52
C GLU G 132 15.37 -48.20 -20.02
N ALA G 133 16.37 -48.90 -19.49
CA ALA G 133 16.49 -49.28 -18.09
C ALA G 133 16.75 -48.06 -17.23
N LEU G 134 17.67 -47.21 -17.67
CA LEU G 134 18.04 -46.05 -16.85
C LEU G 134 17.10 -44.85 -17.07
N ARG G 135 16.47 -44.78 -18.24
CA ARG G 135 15.48 -43.73 -18.46
C ARG G 135 14.23 -43.99 -17.62
N ALA G 136 13.85 -45.26 -17.46
CA ALA G 136 12.73 -45.61 -16.58
C ALA G 136 13.14 -45.49 -15.09
N GLY G 137 14.44 -45.68 -14.80
CA GLY G 137 15.00 -45.55 -13.45
C GLY G 137 14.90 -44.13 -12.91
N ILE G 138 15.24 -43.14 -13.75
CA ILE G 138 15.13 -41.75 -13.32
C ILE G 138 13.67 -41.30 -13.27
N ILE G 139 12.81 -41.82 -14.15
CA ILE G 139 11.38 -41.53 -14.08
C ILE G 139 10.84 -42.06 -12.75
N ASP G 140 11.35 -43.22 -12.31
CA ASP G 140 10.88 -43.80 -11.05
C ASP G 140 11.46 -43.05 -9.85
N SER G 141 12.63 -42.43 -10.01
CA SER G 141 13.23 -41.61 -8.95
C SER G 141 12.44 -40.32 -8.76
N LYS G 142 12.05 -39.70 -9.88
CA LYS G 142 11.25 -38.49 -9.83
C LYS G 142 9.88 -38.79 -9.23
N GLU G 143 9.34 -40.01 -9.46
CA GLU G 143 8.10 -40.44 -8.82
C GLU G 143 8.29 -40.51 -7.32
N ASP G 144 9.42 -41.09 -6.89
CA ASP G 144 9.68 -41.30 -5.48
C ASP G 144 9.69 -39.98 -4.72
N VAL G 145 10.40 -38.99 -5.25
CA VAL G 145 10.47 -37.66 -4.65
C VAL G 145 9.05 -37.10 -4.54
N ASP G 146 8.30 -37.09 -5.64
CA ASP G 146 6.94 -36.58 -5.70
C ASP G 146 6.09 -37.23 -4.61
N VAL G 147 6.25 -38.54 -4.41
CA VAL G 147 5.45 -39.28 -3.46
C VAL G 147 5.82 -38.84 -2.05
N LEU G 148 7.12 -38.76 -1.73
CA LEU G 148 7.54 -38.40 -0.39
C LEU G 148 7.13 -36.97 -0.06
N LEU G 149 7.37 -36.03 -0.99
CA LEU G 149 7.06 -34.64 -0.77
C LEU G 149 5.57 -34.49 -0.51
N LEU G 150 4.74 -35.19 -1.31
CA LEU G 150 3.30 -35.06 -1.16
C LEU G 150 2.86 -35.64 0.17
N SER G 151 3.45 -36.78 0.55
CA SER G 151 3.17 -37.42 1.84
C SER G 151 3.53 -36.49 3.00
N TYR G 152 4.64 -35.77 2.85
CA TYR G 152 5.13 -34.85 3.87
C TYR G 152 4.17 -33.68 4.02
N GLU G 153 3.82 -33.07 2.89
CA GLU G 153 2.93 -31.91 2.84
C GLU G 153 1.57 -32.20 3.46
N LEU G 154 1.00 -33.37 3.19
CA LEU G 154 -0.34 -33.71 3.65
C LEU G 154 -0.31 -34.45 5.00
N ASP G 155 0.90 -34.80 5.49
CA ASP G 155 1.04 -35.62 6.69
C ASP G 155 0.28 -36.94 6.53
N ALA G 156 0.49 -37.58 5.37
CA ALA G 156 -0.28 -38.73 4.93
C ALA G 156 0.52 -40.02 5.11
N ILE G 157 -0.22 -41.14 5.08
CA ILE G 157 0.36 -42.47 5.21
C ILE G 157 0.70 -42.94 3.80
N LEU G 158 1.96 -43.29 3.57
CA LEU G 158 2.41 -43.74 2.28
C LEU G 158 2.10 -45.23 2.10
N VAL G 159 1.35 -45.54 1.04
CA VAL G 159 1.05 -46.91 0.69
C VAL G 159 1.85 -47.23 -0.58
N SER G 160 2.88 -48.11 -0.50
CA SER G 160 3.77 -48.27 -1.65
C SER G 160 3.77 -49.67 -2.24
N GLY G 161 4.59 -50.56 -1.72
CA GLY G 161 4.80 -51.88 -2.30
C GLY G 161 6.27 -52.03 -2.69
N ASP G 162 6.90 -50.91 -3.04
CA ASP G 162 8.32 -50.88 -3.36
C ASP G 162 9.09 -50.76 -2.05
N GLU G 163 9.99 -51.71 -1.77
CA GLU G 163 10.74 -51.76 -0.54
C GLU G 163 11.71 -50.60 -0.41
N GLY G 164 12.35 -50.25 -1.53
CA GLY G 164 13.33 -49.18 -1.58
C GLY G 164 12.72 -47.82 -1.26
N LEU G 165 11.50 -47.57 -1.75
CA LEU G 165 10.82 -46.33 -1.43
C LEU G 165 10.42 -46.32 0.04
N ARG G 166 9.90 -47.44 0.55
CA ARG G 166 9.48 -47.52 1.95
C ARG G 166 10.68 -47.40 2.91
N LYS G 167 11.86 -47.90 2.50
CA LYS G 167 13.03 -47.77 3.35
C LYS G 167 13.42 -46.31 3.47
N TRP G 168 13.26 -45.57 2.36
CA TRP G 168 13.58 -44.15 2.30
C TRP G 168 12.58 -43.38 3.15
N ALA G 169 11.29 -43.66 2.92
CA ALA G 169 10.20 -43.04 3.64
C ALA G 169 10.44 -43.15 5.14
N ASP G 170 11.07 -44.25 5.58
CA ASP G 170 11.26 -44.51 6.98
C ASP G 170 12.38 -43.65 7.56
N ARG G 171 13.48 -43.53 6.81
CA ARG G 171 14.61 -42.71 7.19
C ARG G 171 14.22 -41.24 7.35
N VAL G 172 13.20 -40.80 6.61
CA VAL G 172 12.70 -39.44 6.51
C VAL G 172 11.54 -39.24 7.48
N GLY G 173 10.97 -40.31 8.01
CA GLY G 173 9.95 -40.23 9.05
C GLY G 173 8.53 -40.03 8.50
N ILE G 174 8.30 -40.46 7.26
CA ILE G 174 6.97 -40.48 6.71
C ILE G 174 6.19 -41.68 7.25
N LYS G 175 4.88 -41.48 7.50
CA LYS G 175 4.01 -42.51 8.03
C LYS G 175 3.86 -43.62 6.99
N LEU G 176 3.83 -44.88 7.45
CA LEU G 176 3.77 -46.05 6.57
C LEU G 176 2.73 -47.07 7.03
N ILE G 177 2.33 -47.91 6.07
CA ILE G 177 1.42 -49.01 6.29
C ILE G 177 1.92 -50.18 5.45
N ASP G 178 1.58 -51.41 5.87
CA ASP G 178 1.81 -52.59 5.04
C ASP G 178 0.80 -52.52 3.89
N PRO G 179 1.24 -52.47 2.60
CA PRO G 179 0.28 -52.30 1.51
C PRO G 179 -0.67 -53.49 1.39
N LYS G 180 -0.24 -54.65 1.93
CA LYS G 180 -0.99 -55.89 1.89
C LYS G 180 -2.20 -55.80 2.83
N ASN G 181 -2.25 -54.80 3.70
CA ASN G 181 -3.37 -54.67 4.61
C ASN G 181 -4.20 -53.44 4.28
N LEU G 182 -4.12 -52.92 3.05
CA LEU G 182 -4.81 -51.68 2.73
C LEU G 182 -6.34 -51.88 2.79
N ARG G 183 -6.82 -52.99 2.22
CA ARG G 183 -8.25 -53.29 2.15
C ARG G 183 -8.78 -53.39 3.58
N TYR G 184 -8.03 -54.11 4.42
CA TYR G 184 -8.41 -54.35 5.80
C TYR G 184 -8.56 -53.04 6.56
N ILE G 185 -7.62 -52.10 6.35
CA ILE G 185 -7.65 -50.81 7.02
C ILE G 185 -8.89 -50.03 6.58
N MET G 186 -9.15 -50.02 5.26
CA MET G 186 -10.25 -49.28 4.68
C MET G 186 -11.58 -49.81 5.24
N GLU G 187 -11.66 -51.13 5.42
CA GLU G 187 -12.88 -51.77 5.89
C GLU G 187 -13.21 -51.34 7.32
N ASN G 188 -12.17 -51.11 8.14
CA ASN G 188 -12.31 -50.79 9.55
C ASN G 188 -12.45 -49.27 9.75
N LEU G 189 -12.84 -48.54 8.69
CA LEU G 189 -13.03 -47.10 8.71
C LEU G 189 -14.26 -46.74 7.88
N THR G 190 -15.43 -47.25 8.25
CA THR G 190 -16.61 -46.99 7.43
C THR G 190 -17.74 -46.45 8.30
#